data_2FYS
#
_entry.id   2FYS
#
_cell.length_a   57.377
_cell.length_b   67.478
_cell.length_c   86.605
_cell.angle_alpha   90.00
_cell.angle_beta   99.55
_cell.angle_gamma   90.00
#
_symmetry.space_group_name_H-M   'P 1 21 1'
#
loop_
_entity.id
_entity.type
_entity.pdbx_description
1 polymer 'Mitogen-activated protein kinase 1'
2 polymer 'Dual specificity protein phosphatase 6'
3 water water
#
loop_
_entity_poly.entity_id
_entity_poly.type
_entity_poly.pdbx_seq_one_letter_code
_entity_poly.pdbx_strand_id
1 'polypeptide(L)'
;HHHHHHMAAAAAAGPEMVRGQVFDVGPRYTNLSYIGEGAYGMVCSAYDNLNKVRVAIKKISPFEHQTYCQRTLREIKILL
RFRHENIIGINDIIRAPTIEQMKDVYIVQDLMETDLYKLLKTQHLSNDHICYFLYQILRGLKYIHSANVLHRDLKPSNLL
LNTTCDLKICDFGLARVADPDHDHTGFLTEYVATRWYRAPEIMLNSKGYTKSIDIWSVGCILAEMLSNRPIFPGKHYLDQ
LNHILGILGSPSQEDLNCIINLKARNYLLSLPHKNKVPWNRLFPNADSKALDLLDKMLTFNPHKRIEVEQALAHPYLEQY
YDPSDEPIAEAPFKFDMELDDLPKEKLKELIFEETARFQPGYRS
;
B,A
2 'polypeptide(L)' GIMLRRLQKGNLPVRAL D,C
#
# COMPACT_ATOMS: atom_id res chain seq x y z
N GLY A 14 -28.37 -6.98 19.78
CA GLY A 14 -28.39 -8.37 19.23
C GLY A 14 -27.54 -8.48 17.98
N PRO A 15 -27.95 -9.29 16.99
CA PRO A 15 -27.18 -9.45 15.76
C PRO A 15 -26.98 -8.11 15.05
N GLU A 16 -25.72 -7.80 14.77
CA GLU A 16 -25.36 -6.55 14.11
C GLU A 16 -25.98 -6.40 12.72
N MET A 17 -26.57 -5.24 12.48
CA MET A 17 -27.21 -4.93 11.22
C MET A 17 -26.29 -4.09 10.36
N VAL A 18 -26.48 -4.17 9.04
CA VAL A 18 -25.69 -3.41 8.10
C VAL A 18 -26.58 -2.99 6.93
N ARG A 19 -26.81 -1.68 6.81
CA ARG A 19 -27.66 -1.16 5.75
C ARG A 19 -29.04 -1.83 5.85
N GLY A 20 -29.52 -1.97 7.09
CA GLY A 20 -30.81 -2.59 7.34
C GLY A 20 -30.80 -4.07 7.07
N GLN A 21 -29.61 -4.63 6.85
CA GLN A 21 -29.48 -6.06 6.56
C GLN A 21 -28.82 -6.83 7.69
N VAL A 22 -29.30 -8.05 7.90
CA VAL A 22 -28.75 -8.91 8.93
C VAL A 22 -27.34 -9.32 8.53
N PHE A 23 -26.46 -9.39 9.52
CA PHE A 23 -25.07 -9.79 9.30
C PHE A 23 -24.58 -10.40 10.61
N ASP A 24 -25.17 -11.52 10.99
CA ASP A 24 -24.81 -12.20 12.23
C ASP A 24 -23.59 -13.08 11.99
N VAL A 25 -22.42 -12.56 12.35
CA VAL A 25 -21.17 -13.28 12.14
C VAL A 25 -20.50 -13.79 13.41
N GLY A 26 -21.26 -13.82 14.51
CA GLY A 26 -20.70 -14.28 15.77
C GLY A 26 -19.80 -13.25 16.40
N PRO A 27 -19.50 -13.37 17.69
CA PRO A 27 -18.65 -12.44 18.44
C PRO A 27 -17.16 -12.51 18.09
N ARG A 28 -16.83 -13.20 16.99
CA ARG A 28 -15.43 -13.30 16.59
C ARG A 28 -15.06 -12.14 15.67
N TYR A 29 -16.07 -11.51 15.08
CA TYR A 29 -15.86 -10.38 14.18
C TYR A 29 -16.79 -9.23 14.55
N THR A 30 -16.21 -8.04 14.71
CA THR A 30 -16.99 -6.85 15.06
C THR A 30 -16.58 -5.71 14.13
N ASN A 31 -17.07 -4.51 14.41
CA ASN A 31 -16.76 -3.36 13.58
C ASN A 31 -16.98 -3.63 12.10
N LEU A 32 -18.24 -3.79 11.71
CA LEU A 32 -18.60 -4.08 10.32
C LEU A 32 -18.74 -2.80 9.50
N SER A 33 -18.19 -2.82 8.28
CA SER A 33 -18.25 -1.67 7.39
C SER A 33 -18.58 -2.08 5.96
N TYR A 34 -19.76 -1.67 5.50
CA TYR A 34 -20.24 -2.00 4.16
C TYR A 34 -19.27 -1.54 3.07
N ILE A 35 -19.05 -2.39 2.06
CA ILE A 35 -18.17 -2.02 0.97
C ILE A 35 -18.89 -2.13 -0.37
N GLY A 36 -19.88 -3.01 -0.46
CA GLY A 36 -20.62 -3.15 -1.71
C GLY A 36 -21.30 -4.49 -1.91
N GLU A 37 -21.52 -4.85 -3.18
CA GLU A 37 -22.16 -6.12 -3.55
C GLU A 37 -21.14 -7.13 -4.05
N GLY A 38 -21.59 -8.36 -4.29
CA GLY A 38 -20.69 -9.40 -4.76
C GLY A 38 -21.37 -10.50 -5.54
N ALA A 39 -22.44 -11.05 -4.98
CA ALA A 39 -23.19 -12.12 -5.65
C ALA A 39 -24.48 -12.45 -4.90
N TYR A 40 -24.57 -13.65 -4.35
CA TYR A 40 -25.76 -14.08 -3.62
C TYR A 40 -26.07 -13.18 -2.43
N GLY A 41 -25.21 -12.20 -2.19
CA GLY A 41 -25.41 -11.27 -1.08
C GLY A 41 -24.39 -10.15 -1.09
N MET A 42 -24.48 -9.25 -0.12
CA MET A 42 -23.56 -8.12 -0.05
C MET A 42 -22.29 -8.46 0.70
N VAL A 43 -21.29 -7.58 0.60
CA VAL A 43 -20.00 -7.79 1.24
C VAL A 43 -19.66 -6.72 2.28
N CYS A 44 -19.13 -7.17 3.41
CA CYS A 44 -18.75 -6.27 4.50
C CYS A 44 -17.31 -6.49 4.94
N SER A 45 -16.80 -5.50 5.65
CA SER A 45 -15.45 -5.55 6.21
C SER A 45 -15.72 -5.83 7.68
N ALA A 46 -14.72 -6.35 8.39
CA ALA A 46 -14.92 -6.63 9.80
C ALA A 46 -13.62 -6.84 10.56
N TYR A 47 -13.65 -6.53 11.85
CA TYR A 47 -12.49 -6.71 12.68
C TYR A 47 -12.52 -8.11 13.24
N ASP A 48 -11.42 -8.83 13.08
CA ASP A 48 -11.32 -10.18 13.61
C ASP A 48 -10.72 -10.04 15.01
N ASN A 49 -11.42 -10.58 16.01
CA ASN A 49 -10.98 -10.50 17.39
C ASN A 49 -10.13 -11.68 17.82
N LEU A 50 -9.62 -12.42 16.84
CA LEU A 50 -8.79 -13.59 17.13
C LEU A 50 -7.43 -13.43 16.46
N ASN A 51 -7.43 -12.76 15.32
CA ASN A 51 -6.20 -12.52 14.56
C ASN A 51 -5.88 -11.03 14.57
N LYS A 52 -6.72 -10.26 15.24
CA LYS A 52 -6.54 -8.82 15.34
C LYS A 52 -6.24 -8.14 14.01
N VAL A 53 -7.05 -8.46 13.00
CA VAL A 53 -6.93 -7.89 11.66
C VAL A 53 -8.35 -7.62 11.19
N ARG A 54 -8.50 -6.97 10.03
CA ARG A 54 -9.82 -6.68 9.51
C ARG A 54 -10.13 -7.50 8.26
N VAL A 55 -10.64 -8.70 8.46
CA VAL A 55 -10.97 -9.59 7.34
C VAL A 55 -12.19 -9.12 6.57
N ALA A 56 -12.36 -9.68 5.38
CA ALA A 56 -13.49 -9.37 4.54
C ALA A 56 -14.44 -10.55 4.71
N ILE A 57 -15.73 -10.27 4.78
CA ILE A 57 -16.71 -11.33 4.95
C ILE A 57 -17.85 -11.13 3.95
N LYS A 58 -18.14 -12.15 3.15
CA LYS A 58 -19.22 -12.05 2.18
C LYS A 58 -20.38 -12.96 2.57
N LYS A 59 -21.57 -12.39 2.58
CA LYS A 59 -22.77 -13.12 2.94
C LYS A 59 -23.39 -13.73 1.69
N ILE A 60 -23.59 -15.05 1.70
CA ILE A 60 -24.17 -15.75 0.57
C ILE A 60 -25.48 -16.45 0.99
N SER A 61 -26.54 -16.23 0.23
CA SER A 61 -27.84 -16.85 0.52
C SER A 61 -28.32 -17.55 -0.76
N PRO A 62 -27.69 -18.68 -1.12
CA PRO A 62 -28.01 -19.46 -2.31
C PRO A 62 -28.76 -20.78 -2.13
N PHE A 63 -29.20 -21.09 -0.92
CA PHE A 63 -29.87 -22.35 -0.68
C PHE A 63 -31.15 -22.65 -1.46
N GLU A 64 -31.79 -21.62 -2.01
CA GLU A 64 -33.00 -21.85 -2.78
C GLU A 64 -32.80 -21.56 -4.26
N HIS A 65 -31.57 -21.78 -4.72
CA HIS A 65 -31.20 -21.58 -6.11
C HIS A 65 -30.22 -22.70 -6.45
N GLN A 66 -30.50 -23.42 -7.54
CA GLN A 66 -29.64 -24.51 -7.95
C GLN A 66 -28.34 -23.99 -8.57
N THR A 67 -28.42 -22.86 -9.28
CA THR A 67 -27.24 -22.27 -9.89
C THR A 67 -26.34 -21.73 -8.79
N TYR A 68 -26.90 -20.89 -7.93
CA TYR A 68 -26.15 -20.30 -6.82
C TYR A 68 -25.52 -21.40 -5.97
N CYS A 69 -26.32 -22.40 -5.62
CA CYS A 69 -25.83 -23.50 -4.81
C CYS A 69 -24.59 -24.15 -5.39
N GLN A 70 -24.58 -24.37 -6.70
CA GLN A 70 -23.43 -24.97 -7.36
C GLN A 70 -22.24 -24.03 -7.36
N ARG A 71 -22.46 -22.80 -7.81
CA ARG A 71 -21.40 -21.79 -7.85
C ARG A 71 -20.77 -21.62 -6.47
N THR A 72 -21.56 -21.81 -5.42
CA THR A 72 -21.07 -21.71 -4.05
C THR A 72 -20.17 -22.88 -3.69
N LEU A 73 -20.72 -24.09 -3.80
CA LEU A 73 -20.01 -25.31 -3.47
C LEU A 73 -18.64 -25.30 -4.13
N ARG A 74 -18.58 -24.95 -5.42
CA ARG A 74 -17.31 -24.91 -6.12
C ARG A 74 -16.35 -23.97 -5.42
N GLU A 75 -16.71 -22.69 -5.36
CA GLU A 75 -15.93 -21.65 -4.69
C GLU A 75 -15.42 -22.10 -3.32
N ILE A 76 -16.25 -22.80 -2.57
CA ILE A 76 -15.86 -23.28 -1.25
C ILE A 76 -14.95 -24.51 -1.31
N LYS A 77 -15.29 -25.48 -2.15
CA LYS A 77 -14.49 -26.69 -2.28
C LYS A 77 -13.10 -26.41 -2.87
N ILE A 78 -13.05 -25.72 -4.01
CA ILE A 78 -11.79 -25.40 -4.66
C ILE A 78 -10.81 -24.62 -3.79
N LEU A 79 -11.24 -23.46 -3.31
CA LEU A 79 -10.40 -22.60 -2.47
C LEU A 79 -9.93 -23.29 -1.21
N LEU A 80 -10.83 -24.05 -0.58
CA LEU A 80 -10.52 -24.77 0.65
C LEU A 80 -9.37 -25.76 0.44
N ARG A 81 -9.32 -26.36 -0.74
CA ARG A 81 -8.28 -27.33 -1.05
C ARG A 81 -7.03 -26.69 -1.65
N PHE A 82 -7.19 -25.52 -2.24
CA PHE A 82 -6.06 -24.81 -2.85
C PHE A 82 -5.28 -23.96 -1.84
N ARG A 83 -3.96 -23.93 -2.00
CA ARG A 83 -3.11 -23.13 -1.13
C ARG A 83 -1.93 -22.60 -1.95
N HIS A 84 -2.03 -21.35 -2.39
CA HIS A 84 -0.99 -20.73 -3.20
C HIS A 84 -0.91 -19.24 -2.85
N GLU A 85 0.30 -18.69 -2.88
CA GLU A 85 0.48 -17.27 -2.54
C GLU A 85 -0.42 -16.40 -3.40
N ASN A 86 -0.61 -16.79 -4.65
CA ASN A 86 -1.42 -16.01 -5.57
C ASN A 86 -2.89 -16.40 -5.72
N ILE A 87 -3.36 -17.32 -4.88
CA ILE A 87 -4.76 -17.71 -4.96
C ILE A 87 -5.44 -17.43 -3.64
N ILE A 88 -6.27 -16.40 -3.62
CA ILE A 88 -6.99 -16.01 -2.41
C ILE A 88 -7.40 -17.24 -1.63
N GLY A 89 -7.31 -17.14 -0.30
CA GLY A 89 -7.69 -18.26 0.54
C GLY A 89 -8.86 -17.92 1.44
N ILE A 90 -9.63 -18.95 1.81
CA ILE A 90 -10.77 -18.80 2.71
C ILE A 90 -10.26 -19.00 4.13
N ASN A 91 -10.23 -17.93 4.92
CA ASN A 91 -9.75 -18.01 6.29
C ASN A 91 -10.72 -18.71 7.23
N ASP A 92 -12.01 -18.60 6.95
CA ASP A 92 -13.03 -19.21 7.79
C ASP A 92 -14.43 -19.12 7.19
N ILE A 93 -15.33 -19.97 7.67
CA ILE A 93 -16.72 -19.99 7.21
C ILE A 93 -17.67 -20.03 8.40
N ILE A 94 -18.77 -19.28 8.30
CA ILE A 94 -19.76 -19.22 9.38
C ILE A 94 -21.19 -19.60 8.96
N ARG A 95 -21.73 -20.61 9.63
CA ARG A 95 -23.09 -21.06 9.37
C ARG A 95 -23.75 -21.71 10.60
N ALA A 96 -25.08 -21.70 10.62
CA ALA A 96 -25.84 -22.26 11.73
C ALA A 96 -25.41 -23.68 12.09
N PRO A 97 -25.41 -24.00 13.41
CA PRO A 97 -25.02 -25.31 13.95
C PRO A 97 -25.72 -26.50 13.29
N THR A 98 -26.89 -26.25 12.70
CA THR A 98 -27.64 -27.29 12.00
C THR A 98 -28.18 -26.77 10.67
N ILE A 99 -28.05 -27.62 9.64
CA ILE A 99 -28.49 -27.29 8.30
C ILE A 99 -29.95 -26.86 8.23
N GLU A 100 -30.71 -27.13 9.30
CA GLU A 100 -32.12 -26.75 9.33
C GLU A 100 -32.32 -25.24 9.42
N GLN A 101 -31.37 -24.55 10.05
CA GLN A 101 -31.47 -23.10 10.20
C GLN A 101 -30.56 -22.36 9.22
N MET A 102 -29.52 -23.03 8.74
CA MET A 102 -28.56 -22.44 7.81
C MET A 102 -29.27 -21.92 6.56
N LYS A 103 -29.59 -20.63 6.56
CA LYS A 103 -30.26 -20.00 5.43
C LYS A 103 -29.29 -19.14 4.64
N ASP A 104 -28.06 -19.03 5.12
CA ASP A 104 -27.04 -18.24 4.46
C ASP A 104 -25.66 -18.52 5.05
N VAL A 105 -24.63 -18.40 4.23
CA VAL A 105 -23.26 -18.66 4.65
C VAL A 105 -22.35 -17.44 4.52
N TYR A 106 -21.45 -17.29 5.48
CA TYR A 106 -20.50 -16.17 5.45
C TYR A 106 -19.08 -16.72 5.25
N ILE A 107 -18.49 -16.41 4.10
CA ILE A 107 -17.14 -16.86 3.80
C ILE A 107 -16.16 -15.73 4.09
N VAL A 108 -15.37 -15.92 5.14
CA VAL A 108 -14.41 -14.91 5.55
C VAL A 108 -13.07 -15.09 4.86
N GLN A 109 -12.60 -14.05 4.20
CA GLN A 109 -11.31 -14.10 3.52
C GLN A 109 -10.50 -12.85 3.86
N ASP A 110 -9.24 -12.84 3.43
CA ASP A 110 -8.36 -11.71 3.69
C ASP A 110 -8.84 -10.45 2.99
N LEU A 111 -8.55 -9.29 3.57
CA LEU A 111 -8.96 -8.02 3.00
C LEU A 111 -7.84 -7.33 2.25
N MET A 112 -7.89 -7.40 0.92
CA MET A 112 -6.88 -6.76 0.09
C MET A 112 -7.32 -5.31 -0.06
N GLU A 113 -6.37 -4.40 -0.28
CA GLU A 113 -6.76 -3.01 -0.42
C GLU A 113 -7.72 -2.83 -1.58
N THR A 114 -7.20 -2.86 -2.80
CA THR A 114 -8.05 -2.69 -3.98
C THR A 114 -8.10 -4.00 -4.79
N ASP A 115 -8.29 -3.85 -6.09
CA ASP A 115 -8.33 -4.97 -7.01
C ASP A 115 -7.97 -4.40 -8.38
N LEU A 116 -7.63 -5.27 -9.32
CA LEU A 116 -7.22 -4.80 -10.64
C LEU A 116 -8.25 -3.96 -11.39
N TYR A 117 -9.53 -4.13 -11.07
CA TYR A 117 -10.57 -3.36 -11.74
C TYR A 117 -10.55 -1.92 -11.28
N LYS A 118 -10.67 -1.72 -9.97
CA LYS A 118 -10.65 -0.39 -9.40
C LYS A 118 -9.34 0.31 -9.75
N LEU A 119 -8.22 -0.31 -9.40
CA LEU A 119 -6.91 0.27 -9.70
C LEU A 119 -6.91 0.75 -11.15
N LEU A 120 -6.99 -0.20 -12.10
CA LEU A 120 -7.04 0.13 -13.53
C LEU A 120 -8.39 0.77 -13.79
N LYS A 121 -8.47 2.08 -13.61
CA LYS A 121 -9.71 2.79 -13.80
C LYS A 121 -9.42 4.24 -13.50
N THR A 122 -8.69 4.45 -12.42
CA THR A 122 -8.29 5.78 -11.97
C THR A 122 -6.78 5.83 -11.76
N GLN A 123 -6.16 4.66 -11.67
CA GLN A 123 -4.73 4.55 -11.43
C GLN A 123 -3.90 4.23 -12.67
N HIS A 124 -2.63 4.64 -12.66
CA HIS A 124 -1.72 4.41 -13.78
C HIS A 124 -0.53 3.55 -13.33
N LEU A 125 -0.29 2.44 -14.03
CA LEU A 125 0.79 1.53 -13.69
C LEU A 125 2.00 1.60 -14.58
N SER A 126 3.17 1.76 -13.98
CA SER A 126 4.44 1.82 -14.71
C SER A 126 4.70 0.43 -15.28
N ASN A 127 5.62 0.32 -16.24
CA ASN A 127 5.94 -0.97 -16.84
C ASN A 127 6.42 -1.98 -15.81
N ASP A 128 7.25 -1.53 -14.86
CA ASP A 128 7.76 -2.43 -13.85
C ASP A 128 6.67 -3.10 -13.03
N HIS A 129 5.57 -2.39 -12.80
CA HIS A 129 4.45 -2.94 -12.04
C HIS A 129 3.68 -3.95 -12.88
N ILE A 130 3.52 -3.64 -14.17
CA ILE A 130 2.79 -4.52 -15.08
C ILE A 130 3.50 -5.85 -15.23
N CYS A 131 4.82 -5.81 -15.25
CA CYS A 131 5.61 -7.03 -15.38
C CYS A 131 5.46 -7.90 -14.15
N TYR A 132 5.50 -7.28 -12.98
CA TYR A 132 5.37 -8.02 -11.75
C TYR A 132 3.96 -8.56 -11.64
N PHE A 133 2.97 -7.73 -11.92
CA PHE A 133 1.58 -8.17 -11.85
C PHE A 133 1.35 -9.35 -12.78
N LEU A 134 1.80 -9.22 -14.03
CA LEU A 134 1.61 -10.31 -14.98
C LEU A 134 2.17 -11.61 -14.43
N TYR A 135 3.39 -11.55 -13.93
CA TYR A 135 4.02 -12.74 -13.37
C TYR A 135 3.20 -13.40 -12.25
N GLN A 136 2.80 -12.63 -11.25
CA GLN A 136 2.02 -13.19 -10.15
C GLN A 136 0.78 -13.88 -10.70
N ILE A 137 0.17 -13.26 -11.71
CA ILE A 137 -1.02 -13.81 -12.36
C ILE A 137 -0.70 -15.16 -12.98
N LEU A 138 0.35 -15.20 -13.79
CA LEU A 138 0.72 -16.46 -14.43
C LEU A 138 1.20 -17.51 -13.42
N ARG A 139 2.00 -17.10 -12.44
CA ARG A 139 2.48 -18.03 -11.44
C ARG A 139 1.31 -18.75 -10.78
N GLY A 140 0.25 -18.01 -10.51
CA GLY A 140 -0.93 -18.62 -9.88
C GLY A 140 -1.72 -19.45 -10.87
N LEU A 141 -1.85 -18.97 -12.10
CA LEU A 141 -2.60 -19.71 -13.12
C LEU A 141 -1.99 -21.08 -13.38
N LYS A 142 -0.65 -21.16 -13.32
CA LYS A 142 0.05 -22.41 -13.53
C LYS A 142 -0.38 -23.45 -12.49
N TYR A 143 -0.54 -22.99 -11.25
CA TYR A 143 -0.96 -23.86 -10.17
C TYR A 143 -2.35 -24.43 -10.46
N ILE A 144 -3.28 -23.54 -10.77
CA ILE A 144 -4.64 -23.97 -11.07
C ILE A 144 -4.64 -24.89 -12.29
N HIS A 145 -3.96 -24.46 -13.35
CA HIS A 145 -3.88 -25.25 -14.57
C HIS A 145 -3.18 -26.58 -14.37
N SER A 146 -2.34 -26.69 -13.35
CA SER A 146 -1.66 -27.95 -13.10
C SER A 146 -2.60 -28.79 -12.25
N ALA A 147 -3.58 -28.12 -11.64
CA ALA A 147 -4.57 -28.76 -10.81
C ALA A 147 -5.67 -29.31 -11.69
N ASN A 148 -5.44 -29.26 -13.01
CA ASN A 148 -6.40 -29.76 -13.98
C ASN A 148 -7.71 -28.97 -13.84
N VAL A 149 -7.59 -27.66 -13.69
CA VAL A 149 -8.77 -26.81 -13.53
C VAL A 149 -8.71 -25.49 -14.32
N LEU A 150 -9.89 -25.00 -14.67
CA LEU A 150 -10.02 -23.74 -15.40
C LEU A 150 -10.72 -22.75 -14.48
N HIS A 151 -10.34 -21.48 -14.55
CA HIS A 151 -10.97 -20.46 -13.73
C HIS A 151 -12.22 -20.06 -14.50
N ARG A 152 -12.05 -19.89 -15.81
CA ARG A 152 -13.13 -19.54 -16.72
C ARG A 152 -13.70 -18.13 -16.55
N ASP A 153 -13.07 -17.30 -15.73
CA ASP A 153 -13.60 -15.97 -15.53
C ASP A 153 -12.56 -14.94 -15.10
N LEU A 154 -11.33 -15.10 -15.58
CA LEU A 154 -10.28 -14.17 -15.23
C LEU A 154 -10.63 -12.79 -15.76
N LYS A 155 -10.60 -11.80 -14.88
CA LYS A 155 -10.91 -10.42 -15.26
C LYS A 155 -10.39 -9.46 -14.21
N PRO A 156 -10.12 -8.21 -14.62
CA PRO A 156 -9.62 -7.17 -13.71
C PRO A 156 -10.21 -7.18 -12.30
N SER A 157 -11.52 -7.30 -12.19
CA SER A 157 -12.15 -7.29 -10.88
C SER A 157 -11.95 -8.56 -10.06
N ASN A 158 -11.33 -9.59 -10.67
CA ASN A 158 -11.08 -10.85 -9.98
C ASN A 158 -9.62 -11.03 -9.54
N LEU A 159 -8.87 -9.93 -9.53
CA LEU A 159 -7.47 -9.97 -9.15
C LEU A 159 -7.28 -8.95 -8.03
N LEU A 160 -7.18 -9.44 -6.81
CA LEU A 160 -7.05 -8.59 -5.63
C LEU A 160 -5.63 -8.16 -5.36
N LEU A 161 -5.45 -7.09 -4.60
CA LEU A 161 -4.11 -6.59 -4.28
C LEU A 161 -4.03 -5.53 -3.19
N ASN A 162 -2.97 -5.60 -2.38
CA ASN A 162 -2.72 -4.60 -1.35
C ASN A 162 -1.48 -3.82 -1.78
N THR A 163 -1.23 -2.68 -1.15
CA THR A 163 -0.11 -1.81 -1.50
C THR A 163 1.25 -2.47 -1.74
N THR A 164 1.50 -3.59 -1.07
CA THR A 164 2.78 -4.29 -1.23
C THR A 164 2.98 -4.82 -2.66
N CYS A 165 1.94 -4.72 -3.47
CA CYS A 165 1.93 -5.21 -4.85
C CYS A 165 1.58 -6.70 -4.94
N ASP A 166 1.10 -7.28 -3.84
CA ASP A 166 0.72 -8.69 -3.84
C ASP A 166 -0.58 -8.85 -4.62
N LEU A 167 -0.61 -9.85 -5.48
CA LEU A 167 -1.79 -10.12 -6.30
C LEU A 167 -2.29 -11.54 -6.06
N LYS A 168 -3.60 -11.68 -5.97
CA LYS A 168 -4.22 -12.98 -5.74
C LYS A 168 -5.46 -13.16 -6.61
N ILE A 169 -5.61 -14.33 -7.20
CA ILE A 169 -6.75 -14.63 -8.04
C ILE A 169 -7.88 -15.12 -7.13
N CYS A 170 -9.11 -14.73 -7.43
CA CYS A 170 -10.23 -15.18 -6.61
C CYS A 170 -11.48 -15.50 -7.41
N ASP A 171 -12.53 -15.86 -6.69
CA ASP A 171 -13.82 -16.21 -7.27
C ASP A 171 -13.76 -17.39 -8.24
N PHE A 172 -13.94 -18.59 -7.69
CA PHE A 172 -13.93 -19.80 -8.50
C PHE A 172 -15.32 -20.40 -8.60
N GLY A 173 -16.34 -19.55 -8.51
CA GLY A 173 -17.70 -20.03 -8.59
C GLY A 173 -18.06 -20.46 -10.00
N LEU A 174 -17.28 -20.01 -10.97
CA LEU A 174 -17.51 -20.33 -12.38
C LEU A 174 -16.39 -21.23 -12.92
N ALA A 175 -15.53 -21.71 -12.03
CA ALA A 175 -14.43 -22.57 -12.43
C ALA A 175 -14.95 -23.90 -12.94
N ARG A 176 -14.08 -24.69 -13.55
CA ARG A 176 -14.48 -25.99 -14.08
C ARG A 176 -13.29 -26.92 -14.22
N VAL A 177 -13.52 -28.21 -13.98
CA VAL A 177 -12.46 -29.21 -14.09
C VAL A 177 -12.14 -29.45 -15.56
N ALA A 178 -10.86 -29.33 -15.89
CA ALA A 178 -10.41 -29.53 -17.27
C ALA A 178 -10.07 -30.99 -17.57
N ASP A 179 -9.50 -31.21 -18.75
CA ASP A 179 -9.08 -32.53 -19.23
C ASP A 179 -9.25 -32.57 -20.75
N PRO A 180 -8.33 -33.23 -21.46
CA PRO A 180 -8.44 -33.31 -22.92
C PRO A 180 -9.78 -33.90 -23.36
N ASP A 181 -9.86 -35.23 -23.41
CA ASP A 181 -11.08 -35.90 -23.82
C ASP A 181 -11.12 -37.36 -23.37
N GLU A 190 -23.94 -20.06 -21.74
CA GLU A 190 -24.95 -20.43 -20.77
C GLU A 190 -25.18 -19.25 -19.83
N TYR A 191 -25.76 -18.18 -20.38
CA TYR A 191 -26.01 -16.96 -19.61
C TYR A 191 -24.68 -16.35 -19.18
N VAL A 192 -24.26 -15.29 -19.85
CA VAL A 192 -23.00 -14.64 -19.53
C VAL A 192 -23.11 -13.15 -19.28
N ALA A 193 -22.47 -12.71 -18.20
CA ALA A 193 -22.45 -11.30 -17.82
C ALA A 193 -21.07 -10.76 -18.17
N THR A 194 -21.04 -9.72 -19.00
CA THR A 194 -19.78 -9.11 -19.43
C THR A 194 -19.05 -10.09 -20.35
N ARG A 195 -18.52 -9.56 -21.45
CA ARG A 195 -17.84 -10.37 -22.45
C ARG A 195 -16.46 -9.85 -22.85
N TRP A 196 -16.05 -8.70 -22.30
CA TRP A 196 -14.76 -8.10 -22.64
C TRP A 196 -13.51 -8.99 -22.53
N TYR A 197 -13.58 -10.08 -21.77
CA TYR A 197 -12.41 -10.94 -21.60
C TYR A 197 -12.64 -12.38 -22.05
N ARG A 198 -13.47 -12.54 -23.09
CA ARG A 198 -13.81 -13.85 -23.62
C ARG A 198 -13.13 -14.11 -24.96
N ALA A 199 -12.60 -15.32 -25.11
CA ALA A 199 -11.94 -15.73 -26.35
C ALA A 199 -13.00 -15.87 -27.44
N PRO A 200 -12.59 -15.72 -28.71
CA PRO A 200 -13.48 -15.84 -29.87
C PRO A 200 -14.30 -17.13 -29.92
N GLU A 201 -13.68 -18.26 -29.61
CA GLU A 201 -14.36 -19.55 -29.64
C GLU A 201 -15.60 -19.61 -28.74
N ILE A 202 -15.56 -18.92 -27.61
CA ILE A 202 -16.70 -18.92 -26.69
C ILE A 202 -17.79 -17.97 -27.20
N MET A 203 -17.46 -16.68 -27.21
CA MET A 203 -18.32 -15.61 -27.66
C MET A 203 -19.82 -15.89 -27.67
N LEU A 204 -20.53 -15.23 -26.76
CA LEU A 204 -21.97 -15.36 -26.64
C LEU A 204 -22.43 -16.75 -26.21
N ASN A 205 -22.43 -16.98 -24.90
CA ASN A 205 -22.85 -18.24 -24.30
C ASN A 205 -22.29 -19.45 -25.03
N SER A 206 -21.28 -20.08 -24.45
CA SER A 206 -20.69 -21.26 -25.05
C SER A 206 -19.78 -21.97 -24.05
N LYS A 207 -19.47 -21.29 -22.96
CA LYS A 207 -18.63 -21.80 -21.89
C LYS A 207 -17.41 -22.59 -22.37
N GLY A 208 -16.23 -22.05 -22.04
CA GLY A 208 -14.99 -22.68 -22.43
C GLY A 208 -14.71 -24.03 -21.79
N TYR A 209 -13.83 -24.79 -22.43
CA TYR A 209 -13.44 -26.10 -21.95
C TYR A 209 -11.94 -26.34 -22.09
N THR A 210 -11.19 -25.29 -22.42
CA THR A 210 -9.75 -25.40 -22.58
C THR A 210 -9.00 -24.31 -21.84
N LYS A 211 -7.88 -24.68 -21.24
CA LYS A 211 -7.05 -23.74 -20.49
C LYS A 211 -6.69 -22.55 -21.35
N SER A 212 -6.57 -22.78 -22.66
CA SER A 212 -6.20 -21.72 -23.58
C SER A 212 -7.15 -20.53 -23.53
N ILE A 213 -8.35 -20.76 -23.01
CA ILE A 213 -9.32 -19.67 -22.91
C ILE A 213 -8.84 -18.65 -21.87
N ASP A 214 -8.37 -19.12 -20.72
CA ASP A 214 -7.90 -18.21 -19.68
C ASP A 214 -6.72 -17.38 -20.15
N ILE A 215 -5.94 -17.93 -21.09
CA ILE A 215 -4.79 -17.23 -21.62
C ILE A 215 -5.24 -15.98 -22.35
N TRP A 216 -6.29 -16.13 -23.17
CA TRP A 216 -6.83 -15.00 -23.92
C TRP A 216 -7.30 -13.94 -22.94
N SER A 217 -7.97 -14.39 -21.88
CA SER A 217 -8.46 -13.49 -20.86
C SER A 217 -7.29 -12.75 -20.25
N VAL A 218 -6.28 -13.49 -19.81
CA VAL A 218 -5.09 -12.90 -19.22
C VAL A 218 -4.49 -11.94 -20.23
N GLY A 219 -4.41 -12.38 -21.48
CA GLY A 219 -3.88 -11.52 -22.53
C GLY A 219 -4.67 -10.23 -22.57
N CYS A 220 -6.00 -10.34 -22.44
CA CYS A 220 -6.88 -9.18 -22.44
C CYS A 220 -6.62 -8.29 -21.21
N ILE A 221 -6.37 -8.93 -20.07
CA ILE A 221 -6.11 -8.18 -18.85
C ILE A 221 -4.82 -7.36 -19.00
N LEU A 222 -3.81 -7.95 -19.63
CA LEU A 222 -2.53 -7.26 -19.85
C LEU A 222 -2.80 -6.02 -20.68
N ALA A 223 -3.45 -6.22 -21.83
CA ALA A 223 -3.77 -5.13 -22.73
C ALA A 223 -4.31 -3.93 -21.97
N GLU A 224 -5.15 -4.19 -20.98
CA GLU A 224 -5.76 -3.13 -20.20
C GLU A 224 -4.75 -2.43 -19.30
N MET A 225 -3.89 -3.19 -18.65
CA MET A 225 -2.89 -2.59 -17.77
C MET A 225 -1.97 -1.69 -18.59
N LEU A 226 -1.95 -1.88 -19.90
CA LEU A 226 -1.11 -1.06 -20.75
C LEU A 226 -1.76 0.24 -21.20
N SER A 227 -3.08 0.23 -21.33
CA SER A 227 -3.80 1.43 -21.76
C SER A 227 -4.92 1.90 -20.82
N ASN A 228 -5.20 1.12 -19.78
CA ASN A 228 -6.26 1.47 -18.85
C ASN A 228 -7.63 1.44 -19.53
N ARG A 229 -7.74 0.70 -20.63
CA ARG A 229 -9.01 0.62 -21.35
C ARG A 229 -9.21 -0.75 -21.98
N PRO A 230 -10.42 -1.30 -21.86
CA PRO A 230 -10.76 -2.61 -22.41
C PRO A 230 -10.36 -2.76 -23.88
N ILE A 231 -9.55 -3.77 -24.17
CA ILE A 231 -9.07 -4.01 -25.53
C ILE A 231 -10.16 -4.39 -26.52
N PHE A 232 -11.17 -5.12 -26.06
CA PHE A 232 -12.23 -5.54 -26.95
C PHE A 232 -13.65 -5.20 -26.50
N PRO A 233 -14.01 -3.91 -26.52
CA PRO A 233 -15.36 -3.56 -26.10
C PRO A 233 -16.29 -3.92 -27.27
N GLY A 234 -17.59 -3.82 -27.08
CA GLY A 234 -18.49 -4.13 -28.16
C GLY A 234 -19.94 -4.25 -27.71
N LYS A 235 -20.81 -3.49 -28.36
CA LYS A 235 -22.24 -3.47 -28.05
C LYS A 235 -22.80 -4.88 -27.84
N HIS A 236 -22.41 -5.80 -28.71
CA HIS A 236 -22.83 -7.19 -28.62
C HIS A 236 -21.67 -8.07 -29.07
N TYR A 237 -21.87 -9.39 -29.10
CA TYR A 237 -20.77 -10.27 -29.47
C TYR A 237 -20.24 -10.17 -30.90
N LEU A 238 -21.07 -9.74 -31.86
CA LEU A 238 -20.57 -9.60 -33.23
C LEU A 238 -19.74 -8.32 -33.31
N ASP A 239 -20.13 -7.32 -32.52
CA ASP A 239 -19.42 -6.06 -32.49
C ASP A 239 -18.07 -6.26 -31.81
N GLN A 240 -18.05 -7.11 -30.80
CA GLN A 240 -16.81 -7.38 -30.09
C GLN A 240 -15.93 -8.18 -31.04
N LEU A 241 -16.52 -9.21 -31.64
CA LEU A 241 -15.84 -10.08 -32.57
C LEU A 241 -15.09 -9.25 -33.61
N ASN A 242 -15.80 -8.35 -34.29
CA ASN A 242 -15.19 -7.51 -35.31
C ASN A 242 -14.18 -6.54 -34.72
N HIS A 243 -14.32 -6.21 -33.44
CA HIS A 243 -13.37 -5.31 -32.78
C HIS A 243 -12.02 -6.02 -32.75
N ILE A 244 -12.06 -7.31 -32.42
CA ILE A 244 -10.87 -8.13 -32.35
C ILE A 244 -10.10 -8.13 -33.67
N LEU A 245 -10.78 -8.55 -34.73
CA LEU A 245 -10.17 -8.60 -36.06
C LEU A 245 -9.69 -7.21 -36.47
N GLY A 246 -10.35 -6.18 -35.95
CA GLY A 246 -9.98 -4.82 -36.26
C GLY A 246 -8.59 -4.50 -35.73
N ILE A 247 -8.14 -5.32 -34.77
CA ILE A 247 -6.83 -5.17 -34.17
C ILE A 247 -5.89 -6.25 -34.68
N LEU A 248 -6.24 -7.51 -34.41
CA LEU A 248 -5.44 -8.66 -34.83
C LEU A 248 -5.52 -8.95 -36.33
N GLY A 249 -6.30 -8.17 -37.06
CA GLY A 249 -6.42 -8.40 -38.48
C GLY A 249 -7.17 -9.70 -38.75
N SER A 250 -7.85 -9.78 -39.90
CA SER A 250 -8.60 -10.97 -40.26
C SER A 250 -7.75 -12.23 -40.14
N PRO A 251 -8.26 -13.26 -39.44
CA PRO A 251 -7.55 -14.53 -39.25
C PRO A 251 -7.55 -15.39 -40.50
N SER A 252 -6.74 -16.43 -40.50
CA SER A 252 -6.67 -17.34 -41.64
C SER A 252 -7.99 -18.11 -41.75
N GLN A 253 -8.03 -19.10 -42.63
CA GLN A 253 -9.23 -19.90 -42.81
C GLN A 253 -9.14 -21.10 -41.86
N GLU A 254 -7.92 -21.52 -41.54
CA GLU A 254 -7.73 -22.63 -40.62
C GLU A 254 -8.00 -22.10 -39.22
N ASP A 255 -7.92 -20.78 -39.08
CA ASP A 255 -8.17 -20.10 -37.81
C ASP A 255 -9.66 -19.93 -37.61
N LEU A 256 -10.38 -19.59 -38.67
CA LEU A 256 -11.82 -19.42 -38.57
C LEU A 256 -12.44 -20.81 -38.46
N ASN A 257 -12.27 -21.61 -39.51
CA ASN A 257 -12.79 -22.97 -39.54
C ASN A 257 -12.40 -23.68 -38.25
N CYS A 258 -11.45 -23.11 -37.53
CA CYS A 258 -10.96 -23.68 -36.28
C CYS A 258 -12.07 -23.71 -35.23
N ILE A 259 -11.67 -23.57 -33.96
CA ILE A 259 -12.61 -23.61 -32.86
C ILE A 259 -13.67 -22.50 -32.88
N ILE A 260 -13.83 -21.85 -34.03
CA ILE A 260 -14.82 -20.80 -34.18
C ILE A 260 -16.01 -21.38 -34.93
N ASN A 261 -17.07 -21.72 -34.20
CA ASN A 261 -18.24 -22.31 -34.83
C ASN A 261 -19.53 -22.21 -34.02
N LEU A 262 -19.93 -20.97 -33.68
CA LEU A 262 -21.16 -20.75 -32.93
C LEU A 262 -22.24 -20.70 -34.00
N LYS A 263 -21.84 -21.08 -35.22
CA LYS A 263 -22.69 -21.08 -36.41
C LYS A 263 -22.73 -19.68 -37.01
N ALA A 264 -22.98 -18.68 -36.17
CA ALA A 264 -23.03 -17.29 -36.61
C ALA A 264 -21.65 -16.87 -37.10
N ARG A 265 -20.73 -17.84 -37.16
CA ARG A 265 -19.38 -17.60 -37.63
C ARG A 265 -19.52 -17.28 -39.12
N ASN A 266 -20.66 -17.63 -39.69
CA ASN A 266 -20.93 -17.37 -41.09
C ASN A 266 -20.76 -15.87 -41.25
N TYR A 267 -20.87 -15.17 -40.13
CA TYR A 267 -20.70 -13.73 -40.10
C TYR A 267 -19.29 -13.40 -40.59
N LEU A 268 -18.29 -13.88 -39.86
CA LEU A 268 -16.89 -13.63 -40.20
C LEU A 268 -16.61 -14.08 -41.62
N LEU A 269 -17.15 -15.24 -42.00
CA LEU A 269 -16.93 -15.76 -43.35
C LEU A 269 -17.39 -14.76 -44.40
N SER A 270 -18.49 -14.08 -44.12
CA SER A 270 -19.03 -13.07 -45.01
C SER A 270 -18.59 -11.72 -44.45
N LEU A 271 -17.29 -11.45 -44.59
CA LEU A 271 -16.71 -10.23 -44.05
C LEU A 271 -15.44 -9.88 -44.83
N PRO A 272 -15.28 -8.60 -45.22
CA PRO A 272 -14.09 -8.21 -45.98
C PRO A 272 -12.78 -8.47 -45.22
N HIS A 273 -11.67 -8.09 -45.83
CA HIS A 273 -10.35 -8.26 -45.22
C HIS A 273 -10.04 -7.12 -44.27
N LYS A 274 -9.66 -7.48 -43.05
CA LYS A 274 -9.30 -6.48 -42.04
C LYS A 274 -7.81 -6.59 -41.75
N ASN A 275 -7.15 -5.45 -41.67
CA ASN A 275 -5.71 -5.42 -41.42
C ASN A 275 -5.40 -5.37 -39.93
N LYS A 276 -4.20 -5.82 -39.58
CA LYS A 276 -3.78 -5.82 -38.18
C LYS A 276 -3.14 -4.49 -37.80
N VAL A 277 -3.36 -4.08 -36.55
CA VAL A 277 -2.79 -2.84 -36.03
C VAL A 277 -1.57 -3.23 -35.22
N PRO A 278 -0.37 -2.80 -35.65
CA PRO A 278 0.83 -3.16 -34.90
C PRO A 278 0.72 -2.74 -33.44
N TRP A 279 0.87 -3.72 -32.54
CA TRP A 279 0.79 -3.45 -31.11
C TRP A 279 1.54 -2.18 -30.73
N ASN A 280 2.73 -2.02 -31.29
CA ASN A 280 3.59 -0.88 -31.00
C ASN A 280 2.90 0.46 -31.29
N ARG A 281 2.01 0.45 -32.29
CA ARG A 281 1.27 1.65 -32.68
C ARG A 281 0.18 1.93 -31.66
N LEU A 282 -0.55 0.89 -31.30
CA LEU A 282 -1.64 0.98 -30.33
C LEU A 282 -1.07 1.35 -28.97
N PHE A 283 0.08 0.78 -28.64
CA PHE A 283 0.71 1.02 -27.35
C PHE A 283 2.09 1.64 -27.53
N PRO A 284 2.15 2.92 -27.95
CA PRO A 284 3.37 3.70 -28.18
C PRO A 284 4.32 3.80 -27.00
N ASN A 285 3.81 3.58 -25.79
CA ASN A 285 4.63 3.66 -24.58
C ASN A 285 4.83 2.30 -23.91
N ALA A 286 4.44 1.22 -24.59
CA ALA A 286 4.57 -0.13 -24.03
C ALA A 286 5.87 -0.82 -24.41
N ASP A 287 6.49 -1.45 -23.42
CA ASP A 287 7.74 -2.15 -23.64
C ASP A 287 7.60 -3.22 -24.73
N SER A 288 8.67 -3.41 -25.49
CA SER A 288 8.71 -4.38 -26.58
C SER A 288 8.47 -5.82 -26.12
N LYS A 289 9.00 -6.16 -24.95
CA LYS A 289 8.85 -7.51 -24.42
C LYS A 289 7.40 -7.85 -24.05
N ALA A 290 6.73 -6.90 -23.41
CA ALA A 290 5.35 -7.11 -23.00
C ALA A 290 4.45 -7.36 -24.22
N LEU A 291 4.67 -6.58 -25.28
CA LEU A 291 3.88 -6.71 -26.50
C LEU A 291 4.09 -8.08 -27.16
N ASP A 292 5.34 -8.49 -27.32
CA ASP A 292 5.62 -9.79 -27.93
C ASP A 292 4.81 -10.86 -27.22
N LEU A 293 4.88 -10.86 -25.89
CA LEU A 293 4.13 -11.84 -25.12
C LEU A 293 2.64 -11.61 -25.28
N LEU A 294 2.23 -10.33 -25.33
CA LEU A 294 0.83 -10.00 -25.52
C LEU A 294 0.33 -10.72 -26.77
N ASP A 295 1.04 -10.48 -27.87
CA ASP A 295 0.71 -11.08 -29.16
C ASP A 295 0.53 -12.59 -29.04
N LYS A 296 1.46 -13.24 -28.36
CA LYS A 296 1.42 -14.69 -28.19
C LYS A 296 0.17 -15.18 -27.45
N MET A 297 -0.35 -14.35 -26.57
CA MET A 297 -1.53 -14.69 -25.79
C MET A 297 -2.80 -14.39 -26.56
N LEU A 298 -2.84 -13.21 -27.17
CA LEU A 298 -4.01 -12.81 -27.94
C LEU A 298 -3.92 -13.27 -29.38
N THR A 299 -4.03 -14.58 -29.58
CA THR A 299 -4.02 -15.15 -30.93
C THR A 299 -5.39 -15.78 -31.08
N PHE A 300 -5.97 -15.60 -32.25
CA PHE A 300 -7.29 -16.11 -32.57
C PHE A 300 -7.41 -17.63 -32.38
N ASN A 301 -6.48 -18.37 -32.94
CA ASN A 301 -6.50 -19.83 -32.87
C ASN A 301 -6.04 -20.35 -31.50
N PRO A 302 -7.00 -20.70 -30.63
CA PRO A 302 -6.68 -21.20 -29.28
C PRO A 302 -5.50 -22.16 -29.25
N HIS A 303 -5.50 -23.09 -30.20
CA HIS A 303 -4.43 -24.08 -30.33
C HIS A 303 -3.05 -23.41 -30.33
N LYS A 304 -2.97 -22.22 -30.90
CA LYS A 304 -1.71 -21.50 -31.01
C LYS A 304 -1.43 -20.55 -29.84
N ARG A 305 -2.38 -20.41 -28.91
CA ARG A 305 -2.17 -19.54 -27.77
C ARG A 305 -1.03 -20.10 -26.93
N ILE A 306 -0.25 -19.23 -26.32
CA ILE A 306 0.86 -19.65 -25.49
C ILE A 306 0.35 -20.26 -24.19
N GLU A 307 0.97 -21.34 -23.73
CA GLU A 307 0.55 -21.98 -22.49
C GLU A 307 1.21 -21.29 -21.30
N VAL A 308 0.65 -21.50 -20.11
CA VAL A 308 1.16 -20.85 -18.90
C VAL A 308 2.64 -21.10 -18.56
N GLU A 309 3.16 -22.30 -18.87
CA GLU A 309 4.56 -22.58 -18.56
C GLU A 309 5.49 -21.88 -19.52
N GLN A 310 5.11 -21.84 -20.79
CA GLN A 310 5.90 -21.18 -21.82
C GLN A 310 5.94 -19.69 -21.53
N ALA A 311 4.80 -19.16 -21.10
CA ALA A 311 4.64 -17.75 -20.78
C ALA A 311 5.51 -17.32 -19.59
N LEU A 312 5.53 -18.15 -18.54
CA LEU A 312 6.33 -17.85 -17.36
C LEU A 312 7.79 -17.76 -17.74
N ALA A 313 8.16 -18.47 -18.80
CA ALA A 313 9.55 -18.49 -19.26
C ALA A 313 9.86 -17.47 -20.36
N HIS A 314 8.91 -16.59 -20.65
CA HIS A 314 9.10 -15.57 -21.69
C HIS A 314 10.09 -14.50 -21.23
N PRO A 315 10.94 -14.01 -22.16
CA PRO A 315 11.94 -12.99 -21.86
C PRO A 315 11.42 -11.83 -21.02
N TYR A 316 10.16 -11.47 -21.23
CA TYR A 316 9.54 -10.37 -20.49
C TYR A 316 9.54 -10.62 -18.99
N LEU A 317 9.16 -11.83 -18.59
CA LEU A 317 9.11 -12.22 -17.18
C LEU A 317 10.36 -13.00 -16.80
N GLU A 318 11.53 -12.49 -17.14
CA GLU A 318 12.76 -13.19 -16.83
C GLU A 318 13.42 -12.81 -15.50
N GLN A 319 13.12 -11.62 -15.01
CA GLN A 319 13.71 -11.18 -13.75
C GLN A 319 13.03 -11.87 -12.56
N TYR A 320 11.82 -12.39 -12.80
CA TYR A 320 11.04 -13.06 -11.77
C TYR A 320 10.94 -14.58 -11.98
N TYR A 321 11.18 -15.02 -13.21
CA TYR A 321 11.10 -16.43 -13.55
C TYR A 321 11.97 -17.37 -12.72
N ASP A 322 11.34 -18.40 -12.14
CA ASP A 322 12.00 -19.43 -11.34
C ASP A 322 11.04 -20.59 -11.09
N PRO A 323 11.03 -21.59 -11.98
CA PRO A 323 10.15 -22.77 -11.89
C PRO A 323 10.14 -23.51 -10.55
N SER A 324 11.16 -23.29 -9.73
CA SER A 324 11.22 -23.94 -8.42
C SER A 324 10.40 -23.15 -7.41
N ASP A 325 10.04 -21.93 -7.78
CA ASP A 325 9.25 -21.08 -6.91
C ASP A 325 7.86 -20.91 -7.53
N GLU A 326 7.53 -21.84 -8.43
CA GLU A 326 6.25 -21.84 -9.12
C GLU A 326 5.63 -23.22 -8.96
N PRO A 327 5.16 -23.53 -7.74
CA PRO A 327 4.53 -24.82 -7.40
C PRO A 327 3.24 -25.17 -8.13
N ILE A 328 3.01 -26.47 -8.27
CA ILE A 328 1.81 -26.98 -8.93
C ILE A 328 0.90 -27.60 -7.88
N ALA A 329 -0.34 -27.88 -8.26
CA ALA A 329 -1.29 -28.46 -7.34
C ALA A 329 -0.76 -29.79 -6.83
N GLU A 330 -0.84 -29.97 -5.52
CA GLU A 330 -0.37 -31.19 -4.88
C GLU A 330 -1.03 -32.39 -5.55
N ALA A 331 -2.24 -32.19 -6.06
CA ALA A 331 -2.97 -33.24 -6.73
C ALA A 331 -4.05 -32.64 -7.60
N PRO A 332 -4.19 -33.12 -8.84
CA PRO A 332 -5.22 -32.61 -9.75
C PRO A 332 -6.57 -32.60 -9.05
N PHE A 333 -7.55 -31.95 -9.66
CA PHE A 333 -8.89 -31.89 -9.08
C PHE A 333 -9.81 -32.75 -9.91
N LYS A 334 -10.69 -33.49 -9.24
CA LYS A 334 -11.63 -34.38 -9.94
C LYS A 334 -13.07 -33.92 -9.78
N LEU A 339 -19.57 -35.19 -11.06
CA LEU A 339 -20.75 -35.34 -10.20
C LEU A 339 -21.12 -34.01 -9.56
N ASP A 340 -21.93 -33.21 -10.25
CA ASP A 340 -22.34 -31.93 -9.69
C ASP A 340 -23.49 -31.21 -10.40
N ASP A 341 -24.67 -31.83 -10.34
CA ASP A 341 -25.88 -31.27 -10.93
C ASP A 341 -27.02 -31.75 -10.03
N LEU A 342 -26.65 -32.18 -8.83
CA LEU A 342 -27.58 -32.68 -7.83
C LEU A 342 -28.54 -31.58 -7.40
N PRO A 343 -29.75 -31.95 -6.94
CA PRO A 343 -30.75 -30.97 -6.49
C PRO A 343 -30.21 -30.10 -5.36
N LYS A 344 -30.54 -28.81 -5.40
CA LYS A 344 -30.06 -27.86 -4.40
C LYS A 344 -30.00 -28.35 -2.95
N GLU A 345 -31.11 -28.90 -2.46
CA GLU A 345 -31.13 -29.39 -1.09
C GLU A 345 -30.08 -30.47 -0.85
N LYS A 346 -29.54 -31.01 -1.95
CA LYS A 346 -28.51 -32.03 -1.86
C LYS A 346 -27.18 -31.29 -1.82
N LEU A 347 -27.12 -30.16 -2.52
CA LEU A 347 -25.93 -29.32 -2.54
C LEU A 347 -25.78 -28.68 -1.17
N LYS A 348 -26.90 -28.26 -0.59
CA LYS A 348 -26.92 -27.63 0.72
C LYS A 348 -26.33 -28.62 1.72
N GLU A 349 -26.68 -29.89 1.53
CA GLU A 349 -26.20 -30.98 2.38
C GLU A 349 -24.66 -31.03 2.32
N LEU A 350 -24.14 -31.01 1.09
CA LEU A 350 -22.70 -31.06 0.86
C LEU A 350 -22.06 -29.73 1.29
N ILE A 351 -22.85 -28.67 1.25
CA ILE A 351 -22.37 -27.34 1.65
C ILE A 351 -22.31 -27.29 3.17
N PHE A 352 -23.08 -28.15 3.81
CA PHE A 352 -23.10 -28.22 5.26
C PHE A 352 -21.91 -29.06 5.73
N GLU A 353 -21.75 -30.23 5.12
CA GLU A 353 -20.67 -31.15 5.45
C GLU A 353 -19.33 -30.44 5.24
N GLU A 354 -19.22 -29.74 4.11
CA GLU A 354 -18.00 -28.99 3.76
C GLU A 354 -17.65 -27.96 4.82
N THR A 355 -18.63 -27.14 5.20
CA THR A 355 -18.43 -26.09 6.19
C THR A 355 -18.35 -26.63 7.62
N ALA A 356 -18.45 -27.94 7.77
CA ALA A 356 -18.42 -28.57 9.08
C ALA A 356 -17.07 -28.47 9.80
N ARG A 357 -15.99 -28.22 9.06
CA ARG A 357 -14.67 -28.13 9.66
C ARG A 357 -14.43 -26.84 10.45
N PHE A 358 -15.10 -25.77 10.06
CA PHE A 358 -14.95 -24.48 10.73
C PHE A 358 -15.78 -24.33 11.99
N GLN A 359 -16.58 -25.34 12.31
CA GLN A 359 -17.40 -25.30 13.52
C GLN A 359 -16.48 -25.58 14.71
N PRO A 360 -16.83 -25.06 15.91
CA PRO A 360 -16.02 -25.27 17.11
C PRO A 360 -15.73 -26.72 17.46
N GLY A 361 -14.47 -27.01 17.77
CA GLY A 361 -14.06 -28.35 18.14
C GLY A 361 -14.49 -29.43 17.17
N TYR A 362 -14.41 -29.14 15.87
CA TYR A 362 -14.80 -30.12 14.86
C TYR A 362 -13.60 -30.62 14.07
N ARG A 363 -13.23 -31.87 14.32
CA ARG A 363 -12.11 -32.50 13.65
C ARG A 363 -12.61 -33.56 12.69
N GLY B 14 -4.24 15.16 43.23
CA GLY B 14 -5.53 15.86 42.96
C GLY B 14 -5.46 16.77 41.73
N PRO B 15 -5.92 18.02 41.85
CA PRO B 15 -5.91 19.00 40.75
C PRO B 15 -4.56 19.67 40.54
N GLU B 16 -4.25 19.95 39.27
CA GLU B 16 -2.99 20.60 38.90
C GLU B 16 -3.28 21.45 37.67
N MET B 17 -4.38 22.20 37.74
CA MET B 17 -4.81 23.06 36.64
C MET B 17 -3.73 24.04 36.19
N VAL B 18 -3.91 24.57 34.98
CA VAL B 18 -2.99 25.53 34.39
C VAL B 18 -3.80 26.43 33.45
N ARG B 19 -3.76 27.74 33.69
CA ARG B 19 -4.50 28.70 32.87
C ARG B 19 -5.96 28.27 32.71
N GLY B 20 -6.33 27.85 31.49
CA GLY B 20 -7.69 27.42 31.23
C GLY B 20 -7.73 25.92 31.02
N GLN B 21 -6.55 25.31 31.02
CA GLN B 21 -6.39 23.88 30.83
C GLN B 21 -6.01 23.20 32.14
N VAL B 22 -5.44 22.00 32.05
CA VAL B 22 -5.04 21.27 33.24
C VAL B 22 -4.01 20.18 32.92
N PHE B 23 -2.93 20.16 33.70
CA PHE B 23 -1.86 19.18 33.54
C PHE B 23 -1.68 18.32 34.78
N ASP B 24 -2.30 17.15 34.80
CA ASP B 24 -2.15 16.25 35.94
C ASP B 24 -0.84 15.50 35.88
N VAL B 25 0.27 16.24 36.03
CA VAL B 25 1.59 15.64 35.99
C VAL B 25 2.11 15.28 37.38
N GLY B 26 1.20 15.09 38.32
CA GLY B 26 1.57 14.73 39.68
C GLY B 26 2.51 15.69 40.39
N PRO B 27 2.89 15.36 41.64
CA PRO B 27 3.78 16.17 42.49
C PRO B 27 5.25 16.15 42.09
N ARG B 28 5.61 15.37 41.07
CA ARG B 28 6.99 15.31 40.62
C ARG B 28 7.34 16.46 39.67
N TYR B 29 6.34 16.89 38.90
CA TYR B 29 6.53 17.98 37.93
C TYR B 29 5.70 19.18 38.34
N THR B 30 6.37 20.28 38.66
CA THR B 30 5.69 21.49 39.07
C THR B 30 6.20 22.70 38.30
N ASN B 31 5.68 23.87 38.66
CA ASN B 31 6.08 25.14 38.05
C ASN B 31 6.05 25.10 36.53
N LEU B 32 4.90 24.75 35.97
CA LEU B 32 4.78 24.69 34.53
C LEU B 32 4.68 26.06 33.88
N SER B 33 4.96 26.09 32.60
CA SER B 33 4.90 27.29 31.79
C SER B 33 4.72 26.82 30.35
N TYR B 34 3.84 27.49 29.63
CA TYR B 34 3.54 27.16 28.24
C TYR B 34 4.77 27.44 27.38
N ILE B 35 5.20 26.44 26.61
CA ILE B 35 6.38 26.63 25.77
C ILE B 35 6.15 26.27 24.29
N GLY B 36 4.95 26.55 23.80
CA GLY B 36 4.65 26.26 22.41
C GLY B 36 3.58 25.23 22.17
N GLU B 37 3.38 24.90 20.89
CA GLU B 37 2.39 23.91 20.47
C GLU B 37 3.04 22.89 19.54
N GLY B 38 2.33 21.80 19.29
CA GLY B 38 2.84 20.76 18.43
C GLY B 38 1.69 20.02 17.78
N ALA B 39 1.98 18.84 17.22
CA ALA B 39 0.96 18.06 16.57
C ALA B 39 0.01 17.41 17.58
N TYR B 40 0.45 17.32 18.83
CA TYR B 40 -0.35 16.69 19.87
C TYR B 40 -1.11 17.66 20.77
N GLY B 41 -0.99 18.95 20.49
CA GLY B 41 -1.71 19.92 21.29
C GLY B 41 -0.88 20.77 22.22
N MET B 42 -1.29 20.85 23.47
CA MET B 42 -0.61 21.64 24.48
C MET B 42 0.77 21.08 24.82
N VAL B 43 1.79 21.94 24.77
CA VAL B 43 3.16 21.57 25.07
C VAL B 43 3.80 22.63 25.96
N CYS B 44 4.02 22.29 27.22
CA CYS B 44 4.62 23.22 28.17
C CYS B 44 5.80 22.61 28.91
N SER B 45 6.64 23.47 29.49
CA SER B 45 7.80 23.01 30.24
C SER B 45 7.38 22.78 31.69
N ALA B 46 8.28 22.19 32.47
CA ALA B 46 8.01 21.92 33.88
C ALA B 46 9.31 21.64 34.61
N TYR B 47 9.24 21.63 35.93
CA TYR B 47 10.41 21.37 36.76
C TYR B 47 10.35 19.98 37.37
N ASP B 48 11.29 19.13 36.99
CA ASP B 48 11.35 17.78 37.54
C ASP B 48 11.95 17.92 38.94
N ASN B 49 11.13 17.68 39.96
CA ASN B 49 11.58 17.78 41.35
C ASN B 49 12.48 16.63 41.77
N LEU B 50 12.50 15.56 40.99
CA LEU B 50 13.30 14.41 41.33
C LEU B 50 14.72 14.51 40.79
N ASN B 51 14.84 14.85 39.51
CA ASN B 51 16.15 14.99 38.89
C ASN B 51 16.55 16.45 38.88
N LYS B 52 15.77 17.28 39.58
CA LYS B 52 16.02 18.72 39.66
C LYS B 52 16.41 19.33 38.32
N VAL B 53 15.69 18.94 37.27
CA VAL B 53 15.95 19.47 35.93
C VAL B 53 14.69 20.08 35.35
N ARG B 54 14.83 20.69 34.18
CA ARG B 54 13.72 21.31 33.48
C ARG B 54 13.38 20.44 32.27
N VAL B 55 12.17 19.89 32.25
CA VAL B 55 11.74 19.02 31.16
C VAL B 55 10.66 19.63 30.28
N ALA B 56 10.27 18.89 29.25
CA ALA B 56 9.23 19.29 28.33
C ALA B 56 8.14 18.24 28.47
N ILE B 57 6.91 18.70 28.62
CA ILE B 57 5.80 17.78 28.78
C ILE B 57 4.66 18.09 27.82
N LYS B 58 4.33 17.13 26.98
CA LYS B 58 3.24 17.32 26.04
C LYS B 58 2.05 16.49 26.50
N LYS B 59 0.87 17.09 26.42
CA LYS B 59 -0.37 16.42 26.81
C LYS B 59 -1.05 15.91 25.54
N ILE B 60 -1.48 14.65 25.55
CA ILE B 60 -2.15 14.07 24.39
C ILE B 60 -3.52 13.51 24.79
N SER B 61 -4.54 13.91 24.03
CA SER B 61 -5.90 13.47 24.30
C SER B 61 -6.42 12.68 23.10
N PRO B 62 -5.88 11.48 22.86
CA PRO B 62 -6.28 10.61 21.75
C PRO B 62 -7.64 9.94 21.96
N PHE B 63 -7.60 8.63 22.26
CA PHE B 63 -8.77 7.81 22.52
C PHE B 63 -10.03 8.01 21.68
N GLU B 64 -10.59 9.21 21.66
CA GLU B 64 -11.79 9.46 20.87
C GLU B 64 -11.48 9.43 19.37
N HIS B 65 -10.24 9.77 19.04
CA HIS B 65 -9.80 9.79 17.65
C HIS B 65 -8.90 8.59 17.32
N GLN B 66 -9.46 7.66 16.56
CA GLN B 66 -8.76 6.43 16.18
C GLN B 66 -7.39 6.68 15.57
N THR B 67 -7.32 7.53 14.55
CA THR B 67 -6.04 7.83 13.90
C THR B 67 -5.05 8.55 14.81
N TYR B 68 -5.57 9.24 15.83
CA TYR B 68 -4.71 9.94 16.78
C TYR B 68 -4.31 8.97 17.88
N CYS B 69 -4.97 7.81 17.89
CA CYS B 69 -4.65 6.76 18.84
C CYS B 69 -3.48 5.99 18.25
N GLN B 70 -3.42 5.96 16.92
CA GLN B 70 -2.35 5.26 16.21
C GLN B 70 -1.06 6.07 16.35
N ARG B 71 -1.17 7.39 16.19
CA ARG B 71 -0.02 8.26 16.31
C ARG B 71 0.54 8.12 17.72
N THR B 72 -0.36 8.15 18.69
CA THR B 72 -0.01 8.05 20.10
C THR B 72 0.74 6.77 20.41
N LEU B 73 0.09 5.62 20.19
CA LEU B 73 0.72 4.35 20.44
C LEU B 73 2.03 4.26 19.60
N ARG B 74 2.06 4.95 18.47
CA ARG B 74 3.25 4.92 17.61
C ARG B 74 4.37 5.82 18.13
N GLU B 75 4.01 7.05 18.50
CA GLU B 75 4.98 8.02 19.01
C GLU B 75 5.68 7.46 20.24
N ILE B 76 4.89 6.79 21.06
CA ILE B 76 5.34 6.20 22.31
C ILE B 76 6.18 4.95 22.09
N LYS B 77 5.68 4.03 21.27
CA LYS B 77 6.37 2.78 21.03
C LYS B 77 7.70 2.90 20.29
N ILE B 78 7.75 3.73 19.26
CA ILE B 78 8.97 3.88 18.49
C ILE B 78 10.05 4.68 19.22
N LEU B 79 9.65 5.75 19.89
CA LEU B 79 10.58 6.59 20.62
C LEU B 79 11.05 5.91 21.89
N LEU B 80 10.26 4.96 22.35
CA LEU B 80 10.61 4.22 23.56
C LEU B 80 11.64 3.13 23.23
N ARG B 81 11.47 2.49 22.07
CA ARG B 81 12.39 1.43 21.65
C ARG B 81 13.67 1.96 21.03
N PHE B 82 13.55 3.01 20.23
CA PHE B 82 14.72 3.58 19.59
C PHE B 82 15.68 4.09 20.66
N ARG B 83 16.95 4.25 20.29
CA ARG B 83 17.97 4.71 21.21
C ARG B 83 19.15 5.23 20.42
N HIS B 84 19.05 6.47 19.96
CA HIS B 84 20.09 7.11 19.17
C HIS B 84 20.33 8.50 19.75
N GLU B 85 21.51 9.05 19.48
CA GLU B 85 21.88 10.37 19.97
C GLU B 85 21.09 11.50 19.30
N ASN B 86 20.86 11.38 17.99
CA ASN B 86 20.11 12.39 17.24
C ASN B 86 18.63 12.03 17.08
N ILE B 87 18.07 11.46 18.14
CA ILE B 87 16.67 11.07 18.16
C ILE B 87 16.16 11.27 19.58
N ILE B 88 15.18 12.17 19.72
CA ILE B 88 14.61 12.47 21.03
C ILE B 88 14.09 11.20 21.70
N GLY B 89 14.03 11.19 23.03
CA GLY B 89 13.57 10.01 23.73
C GLY B 89 12.37 10.25 24.62
N ILE B 90 12.14 9.35 25.58
CA ILE B 90 11.02 9.50 26.49
C ILE B 90 11.40 9.14 27.92
N ASN B 91 11.81 10.16 28.69
CA ASN B 91 12.23 9.98 30.07
C ASN B 91 11.12 9.40 30.97
N ASP B 92 9.90 9.87 30.77
CA ASP B 92 8.80 9.41 31.61
C ASP B 92 7.46 9.57 30.92
N ILE B 93 6.45 8.88 31.44
CA ILE B 93 5.10 8.94 30.89
C ILE B 93 4.08 8.91 32.03
N ILE B 94 3.11 9.81 31.96
CA ILE B 94 2.10 9.88 33.01
C ILE B 94 0.67 9.61 32.51
N ARG B 95 0.00 8.69 33.20
CA ARG B 95 -1.37 8.31 32.87
C ARG B 95 -2.05 7.77 34.14
N ALA B 96 -3.38 7.89 34.19
CA ALA B 96 -4.16 7.45 35.35
C ALA B 96 -3.95 5.99 35.75
N PRO B 97 -4.18 5.68 37.03
CA PRO B 97 -4.04 4.33 37.59
C PRO B 97 -4.85 3.27 36.85
N THR B 98 -6.03 3.64 36.35
CA THR B 98 -6.88 2.69 35.61
C THR B 98 -7.22 3.20 34.22
N ILE B 99 -7.28 2.27 33.26
CA ILE B 99 -7.59 2.60 31.87
C ILE B 99 -8.88 3.41 31.77
N GLU B 100 -9.85 3.04 32.61
CA GLU B 100 -11.14 3.71 32.64
C GLU B 100 -10.97 5.20 32.92
N GLN B 101 -10.01 5.53 33.78
CA GLN B 101 -9.73 6.90 34.17
C GLN B 101 -8.81 7.59 33.16
N MET B 102 -7.91 6.83 32.55
CA MET B 102 -6.99 7.39 31.58
C MET B 102 -7.73 7.97 30.39
N LYS B 103 -7.59 9.28 30.22
CA LYS B 103 -8.23 10.01 29.13
C LYS B 103 -7.19 10.96 28.58
N ASP B 104 -6.01 10.92 29.19
CA ASP B 104 -4.90 11.76 28.78
C ASP B 104 -3.54 11.15 29.08
N VAL B 105 -2.60 11.38 28.16
CA VAL B 105 -1.26 10.86 28.27
C VAL B 105 -0.26 12.01 28.24
N TYR B 106 0.63 12.04 29.22
CA TYR B 106 1.66 13.07 29.30
C TYR B 106 3.00 12.46 28.98
N ILE B 107 3.66 12.99 27.96
CA ILE B 107 4.97 12.50 27.54
C ILE B 107 6.08 13.45 27.93
N VAL B 108 6.84 13.07 28.97
CA VAL B 108 7.94 13.88 29.45
C VAL B 108 9.23 13.54 28.74
N GLN B 109 9.87 14.56 28.16
CA GLN B 109 11.12 14.40 27.43
C GLN B 109 12.02 15.58 27.80
N ASP B 110 13.30 15.47 27.46
CA ASP B 110 14.25 16.53 27.75
C ASP B 110 13.75 17.84 27.16
N LEU B 111 14.31 18.95 27.65
CA LEU B 111 13.91 20.26 27.16
C LEU B 111 14.98 20.77 26.22
N MET B 112 14.65 20.85 24.94
CA MET B 112 15.59 21.33 23.93
C MET B 112 15.35 22.83 23.76
N GLU B 113 16.42 23.60 23.91
CA GLU B 113 16.39 25.06 23.81
C GLU B 113 15.62 25.64 22.61
N THR B 114 15.73 25.00 21.45
CA THR B 114 15.02 25.50 20.27
C THR B 114 14.96 24.40 19.21
N ASP B 115 14.49 24.76 18.02
CA ASP B 115 14.40 23.83 16.90
C ASP B 115 14.88 24.56 15.64
N LEU B 116 15.20 23.81 14.60
CA LEU B 116 15.69 24.43 13.37
C LEU B 116 14.69 25.39 12.73
N TYR B 117 13.40 25.18 12.97
CA TYR B 117 12.41 26.07 12.40
C TYR B 117 12.61 27.48 12.96
N LYS B 118 12.68 27.57 14.29
CA LYS B 118 12.86 28.85 14.96
C LYS B 118 14.22 29.45 14.63
N LEU B 119 15.25 28.63 14.70
CA LEU B 119 16.62 29.05 14.42
C LEU B 119 16.80 29.67 13.02
N LEU B 120 16.11 29.10 12.02
CA LEU B 120 16.21 29.61 10.65
C LEU B 120 15.47 30.92 10.43
N LYS B 121 14.77 31.40 11.46
CA LYS B 121 14.01 32.65 11.35
C LYS B 121 14.71 33.80 12.04
N THR B 122 15.82 33.51 12.73
CA THR B 122 16.57 34.55 13.43
C THR B 122 18.08 34.46 13.18
N GLN B 123 18.59 33.26 12.89
CA GLN B 123 20.02 33.13 12.65
C GLN B 123 20.39 32.83 11.21
N HIS B 124 21.66 33.05 10.90
CA HIS B 124 22.21 32.78 9.59
C HIS B 124 23.24 31.68 9.83
N LEU B 125 23.03 30.51 9.23
CA LEU B 125 23.94 29.39 9.41
C LEU B 125 25.23 29.49 8.60
N SER B 126 26.34 29.15 9.23
CA SER B 126 27.65 29.16 8.59
C SER B 126 27.81 27.81 7.89
N ASN B 127 28.56 27.78 6.79
CA ASN B 127 28.75 26.54 6.04
C ASN B 127 29.06 25.36 6.94
N ASP B 128 29.73 25.61 8.06
CA ASP B 128 30.08 24.55 9.00
C ASP B 128 28.86 24.03 9.77
N HIS B 129 28.05 24.94 10.31
CA HIS B 129 26.88 24.52 11.07
C HIS B 129 25.88 23.80 10.18
N ILE B 130 25.75 24.25 8.93
CA ILE B 130 24.83 23.61 8.01
C ILE B 130 25.33 22.17 7.87
N CYS B 131 26.60 22.05 7.47
CA CYS B 131 27.22 20.75 7.26
C CYS B 131 27.10 19.83 8.47
N TYR B 132 27.42 20.33 9.65
CA TYR B 132 27.34 19.51 10.86
C TYR B 132 25.90 19.21 11.22
N PHE B 133 24.99 20.12 10.88
CA PHE B 133 23.58 19.93 11.16
C PHE B 133 23.00 18.86 10.26
N LEU B 134 23.42 18.87 9.00
CA LEU B 134 22.94 17.89 8.03
C LEU B 134 23.40 16.51 8.45
N TYR B 135 24.65 16.40 8.87
CA TYR B 135 25.21 15.13 9.30
C TYR B 135 24.32 14.48 10.37
N GLN B 136 24.03 15.22 11.44
CA GLN B 136 23.20 14.70 12.51
C GLN B 136 21.84 14.25 11.98
N ILE B 137 21.23 15.06 11.12
CA ILE B 137 19.94 14.72 10.53
C ILE B 137 20.05 13.39 9.81
N LEU B 138 20.98 13.32 8.85
CA LEU B 138 21.18 12.08 8.10
C LEU B 138 21.58 10.93 9.02
N ARG B 139 22.44 11.20 10.00
CA ARG B 139 22.89 10.18 10.93
C ARG B 139 21.74 9.55 11.70
N GLY B 140 20.85 10.37 12.23
CA GLY B 140 19.71 9.85 12.96
C GLY B 140 18.81 9.11 11.99
N LEU B 141 18.63 9.72 10.82
CA LEU B 141 17.80 9.17 9.76
C LEU B 141 18.24 7.76 9.37
N LYS B 142 19.55 7.55 9.23
CA LYS B 142 20.10 6.25 8.86
C LYS B 142 19.69 5.19 9.86
N TYR B 143 19.77 5.54 11.14
CA TYR B 143 19.40 4.62 12.20
C TYR B 143 17.92 4.27 12.09
N ILE B 144 17.12 5.25 11.69
CA ILE B 144 15.69 4.99 11.57
C ILE B 144 15.39 4.07 10.41
N HIS B 145 15.98 4.35 9.24
CA HIS B 145 15.76 3.52 8.07
C HIS B 145 16.29 2.11 8.28
N SER B 146 17.35 1.98 9.08
CA SER B 146 17.95 0.68 9.36
C SER B 146 16.89 -0.22 9.97
N ALA B 147 16.07 0.35 10.83
CA ALA B 147 15.00 -0.39 11.48
C ALA B 147 13.83 -0.54 10.51
N ASN B 148 14.07 -0.17 9.26
CA ASN B 148 13.04 -0.29 8.24
C ASN B 148 11.84 0.52 8.69
N VAL B 149 12.02 1.83 8.76
CA VAL B 149 10.96 2.72 9.20
C VAL B 149 11.10 4.07 8.49
N LEU B 150 9.96 4.63 8.09
CA LEU B 150 9.95 5.94 7.44
C LEU B 150 9.43 6.94 8.47
N HIS B 151 10.02 8.13 8.49
CA HIS B 151 9.56 9.13 9.44
C HIS B 151 8.42 9.89 8.79
N ARG B 152 8.46 9.96 7.46
CA ARG B 152 7.43 10.62 6.66
C ARG B 152 7.19 12.08 6.99
N ASP B 153 7.71 12.57 8.10
CA ASP B 153 7.46 13.96 8.45
C ASP B 153 8.66 14.78 8.94
N LEU B 154 9.76 14.75 8.18
CA LEU B 154 10.94 15.52 8.56
C LEU B 154 10.72 16.95 8.08
N LYS B 155 11.09 17.91 8.92
CA LYS B 155 10.95 19.32 8.62
C LYS B 155 11.58 20.10 9.77
N PRO B 156 11.99 21.36 9.52
CA PRO B 156 12.62 22.21 10.53
C PRO B 156 12.09 22.06 11.96
N SER B 157 10.78 22.19 12.11
CA SER B 157 10.14 22.09 13.40
C SER B 157 10.33 20.73 14.06
N ASN B 158 10.56 19.70 13.25
CA ASN B 158 10.74 18.37 13.79
C ASN B 158 12.20 18.06 14.09
N LEU B 159 13.05 19.07 14.06
CA LEU B 159 14.47 18.89 14.33
C LEU B 159 14.87 19.73 15.54
N LEU B 160 14.92 19.10 16.72
CA LEU B 160 15.28 19.80 17.95
C LEU B 160 16.75 20.11 18.11
N LEU B 161 17.04 21.28 18.69
CA LEU B 161 18.39 21.73 18.92
C LEU B 161 18.54 22.28 20.33
N ASN B 162 19.66 21.95 20.98
CA ASN B 162 19.92 22.42 22.34
C ASN B 162 20.98 23.51 22.29
N THR B 163 21.68 23.74 23.39
CA THR B 163 22.69 24.80 23.45
C THR B 163 24.04 24.55 22.77
N THR B 164 24.45 23.30 22.62
CA THR B 164 25.73 23.03 21.98
C THR B 164 25.59 22.36 20.62
N CYS B 165 24.89 23.04 19.71
CA CYS B 165 24.68 22.58 18.34
C CYS B 165 24.35 21.10 18.17
N ASP B 166 23.68 20.51 19.13
CA ASP B 166 23.32 19.11 19.01
C ASP B 166 21.89 19.03 18.52
N LEU B 167 21.68 18.20 17.51
CA LEU B 167 20.38 18.04 16.87
C LEU B 167 19.76 16.67 17.10
N LYS B 168 18.43 16.64 17.22
CA LYS B 168 17.71 15.39 17.42
C LYS B 168 16.45 15.39 16.56
N ILE B 169 16.17 14.28 15.88
CA ILE B 169 14.96 14.19 15.06
C ILE B 169 13.73 14.18 15.98
N CYS B 170 12.59 14.61 15.44
CA CYS B 170 11.37 14.72 16.21
C CYS B 170 10.13 13.96 15.76
N ASP B 171 9.15 13.96 16.66
CA ASP B 171 7.84 13.36 16.47
C ASP B 171 7.77 12.21 15.47
N PHE B 172 7.42 11.04 15.97
CA PHE B 172 7.30 9.87 15.13
C PHE B 172 5.83 9.45 15.08
N GLY B 173 4.95 10.44 15.20
CA GLY B 173 3.54 10.16 15.16
C GLY B 173 3.14 9.73 13.76
N LEU B 174 3.82 10.29 12.76
CA LEU B 174 3.56 9.96 11.36
C LEU B 174 4.49 8.85 10.88
N ALA B 175 5.34 8.35 11.77
CA ALA B 175 6.28 7.28 11.40
C ALA B 175 5.52 6.05 10.93
N ARG B 176 6.23 5.14 10.25
CA ARG B 176 5.59 3.93 9.75
C ARG B 176 6.66 2.95 9.22
N VAL B 177 6.30 1.67 9.13
CA VAL B 177 7.21 0.64 8.64
C VAL B 177 7.34 0.73 7.10
N ALA B 178 8.43 0.20 6.57
CA ALA B 178 8.67 0.24 5.14
C ALA B 178 7.78 -0.66 4.28
N ASP B 179 8.31 -1.82 3.90
CA ASP B 179 7.58 -2.76 3.04
C ASP B 179 6.16 -3.09 3.48
N PRO B 180 5.96 -3.48 4.74
CA PRO B 180 4.61 -3.81 5.20
C PRO B 180 3.57 -2.77 4.75
N ASP B 181 2.80 -3.12 3.73
CA ASP B 181 1.78 -2.22 3.20
C ASP B 181 0.47 -2.92 2.85
N HIS B 182 0.11 -3.94 3.63
CA HIS B 182 -1.15 -4.65 3.38
C HIS B 182 -2.32 -3.68 3.40
N ASP B 183 -2.15 -2.59 4.14
CA ASP B 183 -3.20 -1.59 4.25
C ASP B 183 -2.62 -0.19 4.34
N HIS B 184 -2.18 0.17 5.54
CA HIS B 184 -1.63 1.49 5.81
C HIS B 184 -2.75 2.52 5.82
N THR B 185 -3.34 2.74 6.99
CA THR B 185 -4.43 3.70 7.10
C THR B 185 -4.15 4.71 8.21
N GLY B 186 -2.98 5.32 8.15
CA GLY B 186 -2.62 6.34 9.12
C GLY B 186 -3.29 7.61 8.61
N PHE B 187 -3.81 7.49 7.39
CA PHE B 187 -4.50 8.59 6.71
C PHE B 187 -3.61 9.77 6.35
N LEU B 188 -3.09 9.76 5.14
CA LEU B 188 -2.26 10.87 4.69
C LEU B 188 -3.13 11.86 3.93
N THR B 189 -4.32 12.09 4.48
CA THR B 189 -5.28 13.03 3.95
C THR B 189 -5.55 13.94 5.14
N GLU B 190 -5.02 13.50 6.29
CA GLU B 190 -5.15 14.22 7.55
C GLU B 190 -4.46 15.57 7.44
N TYR B 191 -4.66 16.41 8.45
CA TYR B 191 -4.06 17.74 8.46
C TYR B 191 -2.65 17.76 9.03
N VAL B 192 -1.76 18.46 8.33
CA VAL B 192 -0.37 18.62 8.75
C VAL B 192 0.01 20.09 8.59
N ALA B 193 0.72 20.64 9.57
CA ALA B 193 1.12 22.04 9.53
C ALA B 193 1.72 22.50 8.19
N THR B 194 2.51 21.64 7.56
CA THR B 194 3.12 21.97 6.28
C THR B 194 3.33 20.76 5.37
N ARG B 195 3.40 21.04 4.07
CA ARG B 195 3.61 20.02 3.06
C ARG B 195 4.78 20.47 2.19
N TRP B 196 5.42 21.57 2.59
CA TRP B 196 6.56 22.09 1.84
C TRP B 196 7.76 21.13 1.83
N TYR B 197 7.69 20.07 2.61
CA TYR B 197 8.78 19.11 2.69
C TYR B 197 8.33 17.71 2.26
N ARG B 198 7.18 17.65 1.60
CA ARG B 198 6.64 16.40 1.11
C ARG B 198 7.06 16.14 -0.31
N ALA B 199 7.60 14.95 -0.55
CA ALA B 199 8.04 14.53 -1.87
C ALA B 199 6.89 14.51 -2.86
N PRO B 200 7.19 14.65 -4.16
CA PRO B 200 6.17 14.65 -5.22
C PRO B 200 5.19 13.48 -5.15
N GLU B 201 5.71 12.25 -5.09
CA GLU B 201 4.85 11.06 -5.02
C GLU B 201 3.82 11.15 -3.90
N ILE B 202 4.23 11.67 -2.75
CA ILE B 202 3.31 11.81 -1.62
C ILE B 202 2.31 12.92 -1.93
N MET B 203 2.76 13.94 -2.65
CA MET B 203 1.88 15.04 -3.05
C MET B 203 0.86 14.50 -4.07
N LEU B 204 1.25 13.44 -4.76
CA LEU B 204 0.41 12.81 -5.78
C LEU B 204 -0.42 11.69 -5.19
N ASN B 205 -0.32 11.53 -3.87
CA ASN B 205 -1.06 10.50 -3.18
C ASN B 205 -0.80 9.08 -3.70
N SER B 206 0.48 8.78 -3.94
CA SER B 206 0.87 7.47 -4.42
C SER B 206 0.71 6.44 -3.30
N GLY B 208 4.03 3.21 -4.58
CA GLY B 208 4.25 2.78 -3.20
C GLY B 208 5.47 3.41 -2.59
N TYR B 209 5.38 4.70 -2.25
CA TYR B 209 6.50 5.42 -1.68
C TYR B 209 7.31 4.66 -0.63
N THR B 210 8.63 4.87 -0.65
CA THR B 210 9.53 4.21 0.27
C THR B 210 10.40 5.25 1.00
N LYS B 211 11.41 4.76 1.74
CA LYS B 211 12.31 5.62 2.49
C LYS B 211 12.70 6.86 1.71
N SER B 212 12.84 6.72 0.39
CA SER B 212 13.19 7.82 -0.47
C SER B 212 12.54 9.15 -0.10
N ILE B 213 11.27 9.11 0.32
CA ILE B 213 10.57 10.35 0.69
C ILE B 213 11.28 11.13 1.78
N ASP B 214 11.84 10.43 2.76
CA ASP B 214 12.54 11.12 3.85
C ASP B 214 13.67 11.93 3.25
N ILE B 215 14.46 11.29 2.39
CA ILE B 215 15.57 11.96 1.74
C ILE B 215 15.11 13.30 1.19
N TRP B 216 14.02 13.28 0.42
CA TRP B 216 13.44 14.49 -0.17
C TRP B 216 13.23 15.56 0.88
N SER B 217 12.80 15.15 2.07
CA SER B 217 12.55 16.08 3.16
C SER B 217 13.85 16.79 3.53
N VAL B 218 14.89 16.01 3.79
CA VAL B 218 16.19 16.58 4.15
C VAL B 218 16.68 17.51 3.03
N GLY B 219 16.47 17.12 1.79
CA GLY B 219 16.88 17.96 0.68
C GLY B 219 16.27 19.34 0.78
N CYS B 220 14.98 19.40 1.08
CA CYS B 220 14.26 20.67 1.22
C CYS B 220 14.79 21.45 2.43
N ILE B 221 15.01 20.74 3.53
CA ILE B 221 15.53 21.34 4.76
C ILE B 221 16.90 21.95 4.52
N LEU B 222 17.74 21.24 3.77
CA LEU B 222 19.09 21.70 3.47
C LEU B 222 19.04 22.95 2.61
N ALA B 223 18.06 23.03 1.73
CA ALA B 223 17.92 24.18 0.84
C ALA B 223 17.60 25.39 1.69
N GLU B 224 16.70 25.19 2.63
CA GLU B 224 16.26 26.24 3.51
C GLU B 224 17.39 26.68 4.43
N MET B 225 18.20 25.73 4.88
CA MET B 225 19.32 26.08 5.75
C MET B 225 20.26 27.03 5.03
N LEU B 226 20.44 26.78 3.74
CA LEU B 226 21.32 27.56 2.91
C LEU B 226 20.86 28.99 2.65
N SER B 227 19.55 29.20 2.54
CA SER B 227 19.05 30.54 2.27
C SER B 227 18.10 31.12 3.32
N ASN B 228 17.83 30.36 4.37
CA ASN B 228 16.91 30.83 5.41
C ASN B 228 15.56 31.11 4.75
N ARG B 229 15.15 30.22 3.85
CA ARG B 229 13.89 30.32 3.14
C ARG B 229 13.53 28.93 2.64
N PRO B 230 12.23 28.58 2.67
CA PRO B 230 11.81 27.26 2.19
C PRO B 230 11.91 27.26 0.67
N ILE B 231 12.38 26.17 0.08
CA ILE B 231 12.54 26.12 -1.36
C ILE B 231 11.27 25.87 -2.18
N PHE B 232 10.30 25.13 -1.63
CA PHE B 232 9.06 24.86 -2.36
C PHE B 232 7.81 25.22 -1.54
N PRO B 233 7.60 26.51 -1.23
CA PRO B 233 6.45 26.97 -0.45
C PRO B 233 5.20 27.27 -1.30
N GLY B 234 4.26 26.33 -1.31
CA GLY B 234 3.04 26.52 -2.09
C GLY B 234 1.89 27.13 -1.31
N LYS B 235 1.01 27.84 -2.00
CA LYS B 235 -0.14 28.48 -1.34
C LYS B 235 -1.34 27.53 -1.30
N HIS B 236 -1.26 26.44 -2.06
CA HIS B 236 -2.31 25.44 -2.11
C HIS B 236 -1.78 24.18 -2.79
N TYR B 237 -2.51 23.08 -2.64
CA TYR B 237 -2.13 21.78 -3.20
C TYR B 237 -1.47 21.77 -4.58
N LEU B 238 -2.16 22.33 -5.58
CA LEU B 238 -1.63 22.33 -6.94
C LEU B 238 -0.50 23.30 -7.19
N ASP B 239 -0.50 24.43 -6.47
CA ASP B 239 0.56 25.41 -6.63
C ASP B 239 1.84 24.88 -6.01
N GLN B 240 1.68 24.05 -4.98
CA GLN B 240 2.82 23.43 -4.31
C GLN B 240 3.66 22.76 -5.38
N LEU B 241 3.02 21.89 -6.15
CA LEU B 241 3.66 21.15 -7.23
C LEU B 241 4.34 22.07 -8.23
N ASN B 242 3.67 23.15 -8.62
CA ASN B 242 4.27 24.07 -9.58
C ASN B 242 5.59 24.65 -9.08
N HIS B 243 5.67 24.97 -7.79
CA HIS B 243 6.90 25.52 -7.24
C HIS B 243 8.06 24.58 -7.51
N ILE B 244 7.75 23.29 -7.51
CA ILE B 244 8.72 22.24 -7.74
C ILE B 244 9.13 22.14 -9.21
N LEU B 245 8.18 22.33 -10.11
CA LEU B 245 8.45 22.27 -11.54
C LEU B 245 9.13 23.55 -11.97
N GLY B 246 8.90 24.62 -11.20
CA GLY B 246 9.51 25.89 -11.53
C GLY B 246 11.00 25.94 -11.27
N ILE B 247 11.51 24.95 -10.55
CA ILE B 247 12.93 24.86 -10.23
C ILE B 247 13.57 23.61 -10.83
N LEU B 248 12.92 22.47 -10.65
CA LEU B 248 13.41 21.18 -11.13
C LEU B 248 13.11 20.91 -12.60
N GLY B 249 12.34 21.80 -13.21
CA GLY B 249 11.99 21.60 -14.60
C GLY B 249 10.85 20.61 -14.71
N SER B 250 10.18 20.59 -15.85
CA SER B 250 9.06 19.69 -16.10
C SER B 250 9.43 18.22 -15.92
N PRO B 251 8.55 17.46 -15.25
CA PRO B 251 8.78 16.03 -15.01
C PRO B 251 8.49 15.25 -16.27
N SER B 252 9.25 14.18 -16.49
CA SER B 252 9.05 13.35 -17.67
C SER B 252 8.24 12.14 -17.27
N GLN B 253 7.83 11.35 -18.26
CA GLN B 253 7.06 10.16 -17.97
C GLN B 253 7.86 9.27 -17.02
N GLU B 254 8.80 8.48 -17.54
CA GLU B 254 9.61 7.63 -16.66
C GLU B 254 10.02 8.38 -15.41
N ASP B 255 10.09 9.70 -15.50
CA ASP B 255 10.43 10.55 -14.37
C ASP B 255 9.30 10.38 -13.37
N LEU B 256 9.50 9.46 -12.42
CA LEU B 256 8.51 9.18 -11.39
C LEU B 256 7.10 8.78 -11.87
N ASN B 257 6.85 8.83 -13.18
CA ASN B 257 5.51 8.43 -13.65
C ASN B 257 5.27 7.04 -13.09
N CYS B 258 6.38 6.40 -12.71
CA CYS B 258 6.35 5.06 -12.13
C CYS B 258 5.58 5.12 -10.82
N ILE B 259 4.82 6.19 -10.64
CA ILE B 259 4.05 6.39 -9.42
C ILE B 259 2.60 5.89 -9.48
N ILE B 260 1.64 6.79 -9.68
CA ILE B 260 0.23 6.41 -9.70
C ILE B 260 -0.74 7.59 -9.93
N ASN B 261 -1.97 7.26 -10.36
CA ASN B 261 -3.07 8.19 -10.63
C ASN B 261 -3.02 8.80 -12.04
N LEU B 262 -4.00 8.44 -12.86
CA LEU B 262 -4.09 8.87 -14.26
C LEU B 262 -4.34 10.35 -14.54
N LYS B 263 -5.51 10.85 -14.14
CA LYS B 263 -5.90 12.24 -14.39
C LYS B 263 -4.90 13.29 -13.93
N ALA B 264 -4.25 13.06 -12.80
CA ALA B 264 -3.28 14.02 -12.28
C ALA B 264 -1.95 13.90 -13.03
N ARG B 265 -1.58 12.67 -13.38
CA ARG B 265 -0.34 12.43 -14.09
C ARG B 265 -0.43 13.10 -15.46
N ASN B 266 -1.57 12.90 -16.13
CA ASN B 266 -1.80 13.49 -17.43
C ASN B 266 -1.78 15.02 -17.29
N TYR B 267 -2.49 15.52 -16.29
CA TYR B 267 -2.56 16.96 -16.01
C TYR B 267 -1.18 17.55 -15.75
N LEU B 268 -0.33 16.79 -15.08
CA LEU B 268 1.02 17.24 -14.77
C LEU B 268 1.88 17.18 -16.02
N LEU B 269 1.92 16.02 -16.67
CA LEU B 269 2.69 15.88 -17.90
C LEU B 269 2.19 16.90 -18.92
N SER B 270 1.08 17.56 -18.59
CA SER B 270 0.48 18.53 -19.49
C SER B 270 0.79 20.01 -19.30
N LEU B 271 1.16 20.41 -18.10
CA LEU B 271 1.46 21.81 -17.86
C LEU B 271 2.50 22.25 -18.88
N PRO B 272 2.50 23.55 -19.25
CA PRO B 272 3.48 24.02 -20.23
C PRO B 272 4.89 23.70 -19.76
N HIS B 273 5.79 23.45 -20.70
CA HIS B 273 7.16 23.11 -20.34
C HIS B 273 7.87 24.15 -19.48
N LYS B 274 8.63 23.66 -18.51
CA LYS B 274 9.41 24.48 -17.61
C LYS B 274 10.84 23.94 -17.63
N ASN B 275 11.84 24.82 -17.58
CA ASN B 275 13.22 24.37 -17.58
C ASN B 275 13.82 24.27 -16.18
N LYS B 276 14.91 23.53 -16.07
CA LYS B 276 15.58 23.34 -14.80
C LYS B 276 16.46 24.54 -14.43
N VAL B 277 16.19 25.12 -13.27
CA VAL B 277 16.96 26.26 -12.76
C VAL B 277 18.21 25.72 -12.07
N PRO B 278 19.39 26.02 -12.63
CA PRO B 278 20.65 25.56 -12.04
C PRO B 278 20.82 25.98 -10.60
N TRP B 279 21.00 25.00 -9.71
CA TRP B 279 21.17 25.26 -8.27
C TRP B 279 22.02 26.49 -7.97
N ASN B 280 23.26 26.48 -8.44
CA ASN B 280 24.18 27.59 -8.18
C ASN B 280 23.58 28.94 -8.53
N ARG B 281 22.42 28.93 -9.16
CA ARG B 281 21.71 30.16 -9.54
C ARG B 281 20.84 30.66 -8.37
N LEU B 282 20.19 29.73 -7.69
CA LEU B 282 19.34 30.06 -6.54
C LEU B 282 20.19 30.24 -5.29
N PHE B 283 21.26 29.46 -5.21
CA PHE B 283 22.18 29.53 -4.07
C PHE B 283 23.54 30.00 -4.55
N PRO B 284 23.64 31.27 -4.97
CA PRO B 284 24.88 31.87 -5.47
C PRO B 284 25.88 32.18 -4.36
N ASN B 285 25.87 31.40 -3.29
CA ASN B 285 26.79 31.63 -2.19
C ASN B 285 27.10 30.37 -1.41
N ALA B 286 26.42 29.27 -1.74
CA ALA B 286 26.63 28.00 -1.05
C ALA B 286 27.82 27.22 -1.58
N ASP B 287 28.31 26.29 -0.76
CA ASP B 287 29.45 25.45 -1.12
C ASP B 287 29.13 24.57 -2.34
N SER B 288 30.12 24.36 -3.19
CA SER B 288 29.96 23.55 -4.39
C SER B 288 29.49 22.13 -4.05
N LYS B 289 30.17 21.50 -3.09
CA LYS B 289 29.84 20.15 -2.65
C LYS B 289 28.43 20.05 -2.05
N ALA B 290 28.04 21.09 -1.31
CA ALA B 290 26.72 21.09 -0.70
C ALA B 290 25.64 21.11 -1.78
N LEU B 291 25.79 22.01 -2.74
CA LEU B 291 24.81 22.09 -3.80
C LEU B 291 24.86 20.88 -4.71
N ASP B 292 25.96 20.13 -4.66
CA ASP B 292 26.09 18.92 -5.47
C ASP B 292 25.30 17.80 -4.78
N LEU B 293 25.32 17.80 -3.44
CA LEU B 293 24.57 16.81 -2.67
C LEU B 293 23.09 17.19 -2.65
N LEU B 294 22.82 18.47 -2.82
CA LEU B 294 21.45 18.98 -2.82
C LEU B 294 20.69 18.42 -4.02
N ASP B 295 21.32 18.49 -5.18
CA ASP B 295 20.72 18.00 -6.42
C ASP B 295 20.32 16.54 -6.38
N LYS B 296 21.17 15.71 -5.79
CA LYS B 296 20.88 14.29 -5.73
C LYS B 296 19.77 13.91 -4.76
N MET B 297 19.47 14.80 -3.82
CA MET B 297 18.39 14.53 -2.88
C MET B 297 17.07 15.02 -3.47
N LEU B 298 17.13 16.12 -4.19
CA LEU B 298 15.93 16.69 -4.79
C LEU B 298 15.70 16.32 -6.25
N THR B 299 15.61 15.03 -6.53
CA THR B 299 15.35 14.56 -7.89
C THR B 299 13.91 14.05 -7.90
N PHE B 300 13.12 14.57 -8.83
CA PHE B 300 11.72 14.20 -8.95
C PHE B 300 11.56 12.69 -8.82
N ASN B 301 12.32 11.96 -9.61
CA ASN B 301 12.28 10.50 -9.60
C ASN B 301 12.88 9.97 -8.31
N PRO B 302 12.11 9.22 -7.52
CA PRO B 302 12.56 8.64 -6.25
C PRO B 302 13.54 7.48 -6.47
N HIS B 303 13.68 7.05 -7.71
CA HIS B 303 14.61 5.97 -8.04
C HIS B 303 16.02 6.55 -8.19
N LYS B 304 16.08 7.79 -8.67
CA LYS B 304 17.35 8.49 -8.86
C LYS B 304 17.79 9.15 -7.56
N ARG B 305 16.87 9.23 -6.60
CA ARG B 305 17.15 9.86 -5.32
C ARG B 305 18.24 9.10 -4.56
N ILE B 306 19.22 9.84 -4.05
CA ILE B 306 20.32 9.27 -3.29
C ILE B 306 19.80 8.67 -2.00
N GLU B 307 20.47 7.64 -1.49
CA GLU B 307 20.05 6.98 -0.26
C GLU B 307 20.85 7.52 0.93
N VAL B 308 20.31 7.38 2.13
CA VAL B 308 20.96 7.89 3.33
C VAL B 308 22.43 7.54 3.44
N GLU B 309 22.73 6.26 3.30
CA GLU B 309 24.10 5.76 3.39
C GLU B 309 25.00 6.39 2.33
N GLN B 310 24.39 6.78 1.20
CA GLN B 310 25.14 7.39 0.12
C GLN B 310 25.33 8.88 0.35
N ALA B 311 24.35 9.49 1.00
CA ALA B 311 24.44 10.91 1.31
C ALA B 311 25.50 11.06 2.40
N LEU B 312 25.41 10.22 3.43
CA LEU B 312 26.37 10.23 4.53
C LEU B 312 27.78 10.09 3.98
N ALA B 313 27.91 9.27 2.93
CA ALA B 313 29.21 9.01 2.31
C ALA B 313 29.52 9.89 1.12
N HIS B 314 28.97 11.11 1.12
CA HIS B 314 29.22 12.06 0.04
C HIS B 314 30.33 13.04 0.43
N PRO B 315 31.09 13.57 -0.55
CA PRO B 315 32.18 14.52 -0.31
C PRO B 315 31.89 15.58 0.75
N TYR B 316 30.86 16.38 0.51
CA TYR B 316 30.47 17.43 1.45
C TYR B 316 30.57 16.98 2.91
N LEU B 317 29.90 15.88 3.23
CA LEU B 317 29.89 15.34 4.59
C LEU B 317 31.11 14.49 4.96
N GLU B 318 32.10 14.43 4.07
CA GLU B 318 33.31 13.64 4.30
C GLU B 318 33.98 13.94 5.64
N GLN B 319 34.00 15.21 6.02
CA GLN B 319 34.62 15.66 7.25
C GLN B 319 34.02 15.02 8.51
N TYR B 320 32.84 14.43 8.38
CA TYR B 320 32.16 13.81 9.52
C TYR B 320 31.82 12.35 9.32
N TYR B 321 31.58 11.94 8.08
CA TYR B 321 31.22 10.55 7.82
C TYR B 321 32.11 9.58 8.57
N ASP B 322 31.50 8.54 9.10
CA ASP B 322 32.23 7.54 9.86
C ASP B 322 31.28 6.42 10.31
N PRO B 323 31.16 5.37 9.48
CA PRO B 323 30.30 4.22 9.75
C PRO B 323 30.79 3.28 10.86
N SER B 324 31.69 3.80 11.70
CA SER B 324 32.19 3.02 12.83
C SER B 324 31.58 3.70 14.04
N ASP B 325 31.12 4.94 13.83
CA ASP B 325 30.51 5.74 14.86
C ASP B 325 29.10 6.19 14.46
N GLU B 326 28.37 5.27 13.82
CA GLU B 326 27.00 5.54 13.36
C GLU B 326 26.18 4.27 13.49
N PRO B 327 25.70 3.98 14.72
CA PRO B 327 24.89 2.80 15.05
C PRO B 327 23.56 2.68 14.32
N ILE B 328 23.11 1.44 14.16
CA ILE B 328 21.85 1.15 13.49
C ILE B 328 20.97 0.28 14.37
N ALA B 329 19.74 0.03 13.92
CA ALA B 329 18.80 -0.80 14.66
C ALA B 329 19.34 -2.23 14.63
N GLU B 330 19.43 -2.83 15.81
CA GLU B 330 19.91 -4.20 15.91
C GLU B 330 18.90 -5.11 15.24
N ALA B 331 17.62 -4.75 15.37
CA ALA B 331 16.53 -5.52 14.79
C ALA B 331 15.40 -4.59 14.32
N PRO B 332 15.02 -4.67 13.04
CA PRO B 332 13.96 -3.85 12.46
C PRO B 332 12.70 -3.85 13.33
N PHE B 333 11.90 -2.79 13.22
CA PHE B 333 10.68 -2.69 14.01
C PHE B 333 9.75 -3.83 13.60
N LYS B 334 10.04 -5.00 14.15
CA LYS B 334 9.33 -6.25 13.89
C LYS B 334 7.83 -6.24 13.59
N PHE B 335 7.37 -7.36 13.08
CA PHE B 335 5.98 -7.59 12.70
C PHE B 335 5.22 -8.26 13.84
N ASP B 336 5.90 -8.47 14.98
CA ASP B 336 5.29 -9.09 16.15
C ASP B 336 4.26 -8.13 16.73
N MET B 337 4.17 -6.97 16.08
CA MET B 337 3.25 -5.89 16.43
C MET B 337 3.29 -5.00 15.20
N GLU B 338 2.18 -4.91 14.48
CA GLU B 338 2.17 -4.09 13.27
C GLU B 338 0.82 -3.42 12.98
N LEU B 339 -0.15 -4.18 12.48
CA LEU B 339 -1.45 -3.63 12.17
C LEU B 339 -2.13 -2.97 13.35
N ASP B 340 -1.92 -1.66 13.47
CA ASP B 340 -2.51 -0.88 14.56
C ASP B 340 -3.83 -0.26 14.15
N ASP B 341 -4.39 -0.74 13.04
CA ASP B 341 -5.67 -0.22 12.58
C ASP B 341 -6.79 -1.08 13.15
N LEU B 342 -6.85 -1.11 14.48
CA LEU B 342 -7.86 -1.86 15.21
C LEU B 342 -8.79 -0.82 15.84
N PRO B 343 -9.95 -1.24 16.37
CA PRO B 343 -10.84 -0.26 16.99
C PRO B 343 -10.12 0.56 18.07
N LYS B 344 -10.45 1.85 18.13
CA LYS B 344 -9.84 2.77 19.09
C LYS B 344 -9.80 2.25 20.54
N GLU B 345 -10.62 1.26 20.86
CA GLU B 345 -10.63 0.71 22.20
C GLU B 345 -9.49 -0.29 22.37
N LYS B 346 -9.03 -0.87 21.27
CA LYS B 346 -7.95 -1.85 21.33
C LYS B 346 -6.60 -1.16 21.26
N LEU B 347 -6.60 0.13 20.97
CA LEU B 347 -5.36 0.90 20.91
C LEU B 347 -5.13 1.47 22.30
N LYS B 348 -6.23 1.88 22.94
CA LYS B 348 -6.18 2.44 24.28
C LYS B 348 -5.71 1.38 25.27
N GLU B 349 -5.87 0.11 24.90
CA GLU B 349 -5.43 -1.00 25.74
C GLU B 349 -3.94 -1.22 25.53
N LEU B 350 -3.49 -0.94 24.32
CA LEU B 350 -2.08 -1.11 24.00
C LEU B 350 -1.29 0.06 24.58
N ILE B 351 -1.85 1.26 24.47
CA ILE B 351 -1.22 2.46 25.00
C ILE B 351 -1.02 2.29 26.50
N PHE B 352 -2.06 1.79 27.16
CA PHE B 352 -2.04 1.57 28.60
C PHE B 352 -0.90 0.62 28.96
N GLU B 353 -0.97 -0.61 28.44
CA GLU B 353 0.04 -1.62 28.70
C GLU B 353 1.46 -1.07 28.47
N GLU B 354 1.63 -0.39 27.34
CA GLU B 354 2.90 0.20 26.94
C GLU B 354 3.50 1.18 27.96
N THR B 355 2.65 1.80 28.77
CA THR B 355 3.10 2.77 29.75
C THR B 355 3.04 2.29 31.20
N ALA B 356 2.73 1.01 31.40
CA ALA B 356 2.65 0.44 32.73
C ALA B 356 4.03 0.44 33.40
N ARG B 357 5.06 0.27 32.59
CA ARG B 357 6.44 0.23 33.05
C ARG B 357 6.90 1.51 33.76
N PHE B 358 6.02 2.50 33.84
CA PHE B 358 6.38 3.77 34.48
C PHE B 358 5.72 3.99 35.85
N GLN B 359 4.50 3.48 36.01
CA GLN B 359 3.79 3.63 37.27
C GLN B 359 4.68 3.23 38.46
N PRO B 360 4.25 3.58 39.69
CA PRO B 360 4.98 3.29 40.95
C PRO B 360 5.27 1.83 41.26
N GLY B 361 5.98 1.14 40.37
CA GLY B 361 6.31 -0.24 40.59
C GLY B 361 7.56 -0.68 39.84
N TYR B 362 7.41 -0.89 38.54
CA TYR B 362 8.53 -1.30 37.69
C TYR B 362 8.09 -1.44 36.24
N ARG C 5 15.16 -12.60 -4.23
CA ARG C 5 14.14 -13.69 -4.08
C ARG C 5 12.98 -13.26 -3.20
N ARG C 6 12.10 -14.22 -2.91
CA ARG C 6 10.94 -14.01 -2.06
C ARG C 6 9.99 -12.94 -2.60
N LEU C 7 8.77 -12.94 -2.08
CA LEU C 7 7.73 -11.99 -2.49
C LEU C 7 8.17 -10.54 -2.29
N GLN C 8 8.82 -9.98 -3.30
CA GLN C 8 9.31 -8.61 -3.25
C GLN C 8 9.22 -7.91 -4.60
N LYS C 9 9.66 -6.65 -4.63
CA LYS C 9 9.67 -5.82 -5.83
C LYS C 9 8.27 -5.30 -6.18
N GLY C 10 7.77 -4.35 -5.37
CA GLY C 10 6.47 -3.78 -5.63
C GLY C 10 5.90 -2.90 -4.53
N ASN C 11 5.19 -1.84 -4.92
CA ASN C 11 4.57 -0.90 -3.99
C ASN C 11 3.64 0.08 -4.73
N LEU C 12 2.40 0.22 -4.23
CA LEU C 12 1.41 1.12 -4.84
C LEU C 12 0.23 1.39 -3.89
N PRO C 13 0.29 2.50 -3.12
CA PRO C 13 -0.82 2.79 -2.22
C PRO C 13 -2.13 2.98 -3.00
N VAL C 14 -3.16 2.24 -2.59
CA VAL C 14 -4.45 2.30 -3.26
C VAL C 14 -5.64 2.29 -2.28
N ARG C 15 -6.84 2.33 -2.84
CA ARG C 15 -8.07 2.33 -2.06
C ARG C 15 -8.13 1.13 -1.11
N ARG D 5 36.18 13.08 19.33
CA ARG D 5 35.03 12.13 19.45
C ARG D 5 33.93 12.69 20.35
N ARG D 6 32.80 13.03 19.73
CA ARG D 6 31.63 13.59 20.40
C ARG D 6 31.76 15.11 20.56
N LEU D 7 30.72 15.83 20.17
CA LEU D 7 30.71 17.29 20.26
C LEU D 7 32.05 17.89 19.85
N GLN D 8 32.21 18.14 18.56
CA GLN D 8 33.44 18.70 18.02
C GLN D 8 33.27 20.13 17.49
N LYS D 9 33.35 21.10 18.40
CA LYS D 9 33.22 22.52 18.05
C LYS D 9 31.78 22.97 17.77
N GLY D 10 31.61 24.29 17.71
CA GLY D 10 30.29 24.85 17.45
C GLY D 10 29.42 24.98 18.67
N ASN D 11 29.11 26.21 19.07
CA ASN D 11 28.25 26.46 20.23
C ASN D 11 26.99 27.10 19.65
N LEU D 12 25.83 26.76 20.21
CA LEU D 12 24.58 27.30 19.70
C LEU D 12 23.91 28.34 20.58
N PRO D 13 23.88 29.61 20.12
CA PRO D 13 23.26 30.71 20.86
C PRO D 13 21.76 30.54 20.76
N VAL D 14 21.31 29.34 21.13
CA VAL D 14 19.92 28.92 21.10
C VAL D 14 18.83 29.98 20.98
N ARG D 15 17.79 29.62 20.22
CA ARG D 15 16.63 30.48 19.99
C ARG D 15 15.52 30.08 20.95
#